data_4ZV4
#
_entry.id   4ZV4
#
_cell.length_a   176.109
_cell.length_b   176.109
_cell.length_c   86.310
_cell.angle_alpha   90.00
_cell.angle_beta   90.00
_cell.angle_gamma   90.00
#
_symmetry.space_group_name_H-M   'P 41 21 2'
#
loop_
_entity.id
_entity.type
_entity.pdbx_description
1 polymer 'Elongation factor Tu'
2 polymer Tse6
3 non-polymer "GUANOSINE-5'-DIPHOSPHATE"
4 non-polymer 'MAGNESIUM ION'
#
loop_
_entity_poly.entity_id
_entity_poly.type
_entity_poly.pdbx_seq_one_letter_code
_entity_poly.pdbx_strand_id
1 'polypeptide(L)'
;MAKEKFERNKPHVNVGTIGHVDHGKTTLTAALTKVCSDTWGGSARAFDQIDNAPEEKARGITINTSHVEYDSAVRHYAHV
DCPGHADYVKNMITGAAQMDGAILVCSAADGPMPQTREHILLSRQVGVPYIVVFLNKADMVDDAELLELVEMEVRDLLNT
YDFPGDDTPIIIGSALMALEGKDDNGIGVSAVQKLVETLDSYIPEPVRAIDQPFLMPIEDVFSISGRGTVVTGRVERGII
KVQEEVEIVGIKATTKTTCTGVEMFRKLLDEGRAGENVGILLRGTKREDVERGQVLAKPGTIKPHTKFECEVYVLSKEEG
GRHTPFFKGYRPQFYFRTTDVTGNCELPEGVEMVMPGDNIKMVVTLIAPIAMEDGLRFAIREGGRTVGAGVVAKIIELEH
HHHHH
;
A,B
2 'polypeptide(L)'
;MGSSHHHHHHSDDPQRRAYLNNKFGRSGNLDHDINYRGNRETAAKFFKSKDIDPADAESYMNGLDFNHPVRVETLAPGKN
LWQYQSPGAPQGNWYTLSPRVQPTELGINPMGTNRAANTIEPKVLNSYRTTQKVEVLRSTAAPTDDFWSVKGQSYPAKGG
AQQLFSNEKGSFGLLPREGS
;
C,D
#
loop_
_chem_comp.id
_chem_comp.type
_chem_comp.name
_chem_comp.formula
GDP RNA linking GUANOSINE-5'-DIPHOSPHATE 'C10 H15 N5 O11 P2'
MG non-polymer 'MAGNESIUM ION' 'Mg 2'
#
# COMPACT_ATOMS: atom_id res chain seq x y z
N ARG A 8 -42.12 -17.64 37.23
CA ARG A 8 -41.17 -16.53 37.34
C ARG A 8 -41.16 -15.68 36.07
N ASN A 9 -40.88 -14.39 36.22
CA ASN A 9 -40.84 -13.48 35.08
C ASN A 9 -39.41 -13.09 34.73
N LYS A 10 -39.04 -13.34 33.48
CA LYS A 10 -37.71 -13.04 33.01
C LYS A 10 -37.74 -12.36 31.64
N PRO A 11 -37.06 -11.20 31.54
CA PRO A 11 -36.98 -10.37 30.33
C PRO A 11 -35.88 -10.85 29.38
N HIS A 12 -36.00 -10.51 28.10
CA HIS A 12 -35.04 -10.97 27.11
C HIS A 12 -33.80 -10.08 27.05
N VAL A 13 -32.66 -10.71 26.82
CA VAL A 13 -31.38 -10.02 26.71
C VAL A 13 -30.53 -10.70 25.64
N ASN A 14 -29.97 -9.90 24.74
CA ASN A 14 -29.18 -10.43 23.64
C ASN A 14 -27.67 -10.40 23.91
N VAL A 15 -27.07 -11.59 23.80
CA VAL A 15 -25.64 -11.76 23.98
C VAL A 15 -25.05 -12.68 22.92
N GLY A 16 -23.73 -12.86 22.96
CA GLY A 16 -23.06 -13.73 22.02
C GLY A 16 -21.64 -14.01 22.45
N THR A 17 -20.99 -14.98 21.79
CA THR A 17 -19.60 -15.28 22.10
C THR A 17 -18.66 -14.76 21.03
N ILE A 18 -17.66 -13.99 21.44
CA ILE A 18 -16.69 -13.43 20.52
C ILE A 18 -15.26 -13.69 21.01
N GLY A 19 -14.34 -13.84 20.06
CA GLY A 19 -12.95 -14.13 20.40
C GLY A 19 -12.24 -14.82 19.25
N HIS A 20 -11.01 -15.25 19.49
CA HIS A 20 -10.22 -15.91 18.46
C HIS A 20 -10.76 -17.30 18.13
N VAL A 21 -10.31 -17.83 17.01
CA VAL A 21 -10.67 -19.18 16.61
C VAL A 21 -10.08 -20.20 17.59
N ASP A 22 -10.85 -21.24 17.87
CA ASP A 22 -10.40 -22.34 18.73
C ASP A 22 -10.10 -21.91 20.16
N HIS A 23 -10.68 -20.79 20.57
CA HIS A 23 -10.52 -20.32 21.95
C HIS A 23 -11.64 -20.83 22.84
N GLY A 24 -12.66 -21.42 22.23
CA GLY A 24 -13.76 -22.01 22.98
C GLY A 24 -15.02 -21.15 23.00
N LYS A 25 -15.40 -20.63 21.83
CA LYS A 25 -16.63 -19.84 21.72
C LYS A 25 -17.84 -20.76 21.72
N THR A 26 -17.89 -21.64 20.72
CA THR A 26 -18.98 -22.61 20.60
C THR A 26 -19.03 -23.54 21.80
N THR A 27 -17.85 -23.92 22.29
CA THR A 27 -17.74 -24.77 23.47
C THR A 27 -18.37 -24.09 24.69
N LEU A 28 -18.10 -22.79 24.83
CA LEU A 28 -18.67 -22.01 25.92
C LEU A 28 -20.18 -21.85 25.74
N THR A 29 -20.63 -21.81 24.49
CA THR A 29 -22.06 -21.73 24.20
C THR A 29 -22.77 -23.00 24.67
N ALA A 30 -22.24 -24.15 24.24
CA ALA A 30 -22.78 -25.45 24.63
C ALA A 30 -22.74 -25.63 26.13
N ALA A 31 -21.66 -25.15 26.74
CA ALA A 31 -21.51 -25.20 28.19
C ALA A 31 -22.57 -24.35 28.87
N LEU A 32 -22.84 -23.18 28.30
CA LEU A 32 -23.83 -22.26 28.84
C LEU A 32 -25.23 -22.86 28.80
N THR A 33 -25.63 -23.38 27.65
CA THR A 33 -26.95 -23.96 27.51
C THR A 33 -27.09 -25.21 28.39
N LYS A 34 -26.03 -26.00 28.47
CA LYS A 34 -26.04 -27.21 29.29
C LYS A 34 -26.21 -26.89 30.78
N VAL A 35 -25.36 -25.99 31.28
CA VAL A 35 -25.39 -25.63 32.69
C VAL A 35 -26.69 -24.93 33.05
N CYS A 36 -27.15 -24.03 32.18
CA CYS A 36 -28.42 -23.36 32.43
C CYS A 36 -29.59 -24.34 32.41
N SER A 37 -29.52 -25.34 31.55
CA SER A 37 -30.56 -26.37 31.49
C SER A 37 -30.57 -27.23 32.75
N ASP A 38 -29.38 -27.55 33.25
CA ASP A 38 -29.27 -28.40 34.43
C ASP A 38 -29.58 -27.65 35.73
N THR A 39 -29.31 -26.35 35.74
CA THR A 39 -29.45 -25.54 36.93
C THR A 39 -30.79 -24.82 37.02
N TRP A 40 -31.04 -23.92 36.07
CA TRP A 40 -32.23 -23.08 36.12
C TRP A 40 -33.36 -23.62 35.26
N GLY A 41 -33.09 -24.71 34.55
CA GLY A 41 -34.11 -25.36 33.75
C GLY A 41 -34.13 -24.88 32.31
N GLY A 42 -34.51 -25.77 31.40
CA GLY A 42 -34.59 -25.42 29.99
C GLY A 42 -34.15 -26.56 29.09
N SER A 43 -34.00 -26.26 27.81
CA SER A 43 -33.59 -27.25 26.82
C SER A 43 -32.12 -27.06 26.44
N ALA A 44 -31.32 -28.10 26.67
CA ALA A 44 -29.90 -28.06 26.33
C ALA A 44 -29.70 -28.12 24.82
N ARG A 45 -28.51 -27.74 24.37
CA ARG A 45 -28.19 -27.73 22.95
C ARG A 45 -26.93 -28.54 22.67
N ALA A 46 -26.72 -28.88 21.41
CA ALA A 46 -25.62 -29.75 21.01
C ALA A 46 -24.47 -28.97 20.39
N PHE A 47 -23.24 -29.36 20.74
CA PHE A 47 -22.03 -28.73 20.26
C PHE A 47 -22.00 -28.83 18.72
N ASP A 48 -22.20 -30.03 18.21
CA ASP A 48 -22.08 -30.28 16.77
C ASP A 48 -23.09 -29.47 15.95
N GLN A 49 -24.28 -29.26 16.51
CA GLN A 49 -25.31 -28.49 15.84
C GLN A 49 -24.89 -27.03 15.69
N ILE A 50 -24.32 -26.47 16.75
CA ILE A 50 -23.88 -25.09 16.75
C ILE A 50 -22.64 -24.89 15.87
N ASP A 51 -21.69 -25.82 15.98
CA ASP A 51 -20.45 -25.75 15.21
C ASP A 51 -20.80 -25.80 13.72
N ASN A 52 -21.69 -26.70 13.36
CA ASN A 52 -22.21 -26.75 12.01
C ASN A 52 -23.27 -25.66 11.90
N ALA A 53 -22.81 -24.41 11.88
CA ALA A 53 -23.72 -23.29 11.85
C ALA A 53 -24.41 -23.25 10.51
N PRO A 54 -25.75 -23.15 10.54
CA PRO A 54 -26.46 -23.13 9.26
C PRO A 54 -26.37 -21.75 8.65
N GLU A 55 -26.42 -21.69 7.33
CA GLU A 55 -26.36 -20.41 6.65
C GLU A 55 -27.65 -19.66 6.96
N GLU A 56 -27.50 -18.37 7.23
CA GLU A 56 -28.64 -17.49 7.40
C GLU A 56 -28.61 -16.64 6.15
N LYS A 57 -29.77 -16.48 5.51
CA LYS A 57 -29.80 -15.83 4.23
C LYS A 57 -29.88 -14.32 4.36
N ALA A 58 -30.58 -13.85 5.39
CA ALA A 58 -30.69 -12.42 5.67
C ALA A 58 -31.12 -11.64 4.43
N ARG A 59 -30.77 -10.36 4.38
CA ARG A 59 -31.02 -9.56 3.18
C ARG A 59 -29.72 -9.19 2.47
N GLY A 60 -28.60 -9.65 3.01
CA GLY A 60 -27.30 -9.31 2.46
C GLY A 60 -26.45 -10.54 2.22
N ILE A 61 -25.16 -10.44 2.53
CA ILE A 61 -24.23 -11.55 2.36
C ILE A 61 -24.61 -12.69 3.30
N THR A 62 -24.41 -13.92 2.84
CA THR A 62 -24.71 -15.11 3.63
C THR A 62 -23.75 -15.28 4.78
N ILE A 63 -24.31 -15.24 5.98
CA ILE A 63 -23.54 -15.34 7.20
C ILE A 63 -23.91 -16.60 7.97
N ASN A 64 -22.93 -17.47 8.19
CA ASN A 64 -23.17 -18.68 8.95
C ASN A 64 -23.28 -18.33 10.43
N THR A 65 -24.50 -18.37 10.94
CA THR A 65 -24.78 -17.90 12.30
C THR A 65 -25.63 -18.90 13.07
N SER A 66 -25.19 -19.21 14.29
CA SER A 66 -25.95 -20.09 15.15
C SER A 66 -26.61 -19.33 16.30
N HIS A 67 -27.92 -19.46 16.41
CA HIS A 67 -28.67 -18.86 17.50
C HIS A 67 -29.06 -19.92 18.52
N VAL A 68 -28.81 -19.64 19.79
CA VAL A 68 -29.23 -20.54 20.85
C VAL A 68 -29.92 -19.73 21.93
N GLU A 69 -30.62 -20.39 22.84
CA GLU A 69 -31.30 -19.70 23.92
C GLU A 69 -31.12 -20.43 25.24
N TYR A 70 -30.92 -19.66 26.31
CA TYR A 70 -30.83 -20.26 27.64
C TYR A 70 -31.32 -19.31 28.72
N ASP A 71 -31.99 -19.86 29.72
CA ASP A 71 -32.60 -19.05 30.76
C ASP A 71 -31.78 -19.08 32.05
N SER A 72 -31.71 -17.93 32.71
CA SER A 72 -31.05 -17.83 34.00
C SER A 72 -32.10 -17.87 35.11
N ALA A 73 -31.72 -17.36 36.28
CA ALA A 73 -32.65 -17.27 37.40
C ALA A 73 -33.65 -16.15 37.18
N VAL A 74 -33.17 -15.05 36.58
CA VAL A 74 -33.99 -13.85 36.45
C VAL A 74 -34.09 -13.31 35.02
N ARG A 75 -33.41 -13.96 34.08
CA ARG A 75 -33.40 -13.46 32.71
C ARG A 75 -33.59 -14.55 31.66
N HIS A 76 -33.95 -14.14 30.46
CA HIS A 76 -33.98 -15.02 29.30
C HIS A 76 -32.93 -14.55 28.30
N TYR A 77 -31.98 -15.43 27.98
CA TYR A 77 -30.85 -15.04 27.16
C TYR A 77 -30.91 -15.60 25.74
N ALA A 78 -30.83 -14.70 24.77
CA ALA A 78 -30.71 -15.06 23.37
C ALA A 78 -29.26 -14.89 22.94
N HIS A 79 -28.63 -16.00 22.57
CA HIS A 79 -27.19 -16.04 22.34
C HIS A 79 -26.83 -16.28 20.87
N VAL A 80 -25.77 -15.63 20.42
CA VAL A 80 -25.30 -15.80 19.05
C VAL A 80 -23.84 -16.27 18.99
N ASP A 81 -23.59 -17.27 18.14
CA ASP A 81 -22.25 -17.78 17.93
C ASP A 81 -21.95 -17.90 16.43
N CYS A 82 -20.68 -17.73 16.07
CA CYS A 82 -20.26 -17.83 14.68
C CYS A 82 -18.96 -18.64 14.57
N PRO A 83 -18.84 -19.44 13.50
CA PRO A 83 -17.66 -20.29 13.28
C PRO A 83 -16.38 -19.50 13.02
N GLY A 84 -16.47 -18.48 12.17
CA GLY A 84 -15.29 -17.77 11.70
C GLY A 84 -15.36 -16.27 11.89
N HIS A 85 -14.20 -15.63 11.78
CA HIS A 85 -14.08 -14.19 11.99
C HIS A 85 -14.88 -13.38 10.97
N ALA A 86 -14.90 -13.85 9.73
CA ALA A 86 -15.65 -13.18 8.67
C ALA A 86 -17.13 -13.13 9.01
N ASP A 87 -17.64 -14.24 9.54
CA ASP A 87 -19.02 -14.32 9.99
C ASP A 87 -19.29 -13.26 11.05
N TYR A 88 -18.34 -13.09 11.96
CA TYR A 88 -18.46 -12.09 13.02
C TYR A 88 -18.44 -10.66 12.45
N VAL A 89 -17.60 -10.43 11.45
CA VAL A 89 -17.53 -9.13 10.80
C VAL A 89 -18.88 -8.77 10.18
N LYS A 90 -19.35 -9.65 9.30
CA LYS A 90 -20.61 -9.43 8.60
C LYS A 90 -21.79 -9.32 9.57
N ASN A 91 -21.79 -10.16 10.58
CA ASN A 91 -22.89 -10.22 11.55
C ASN A 91 -22.93 -8.99 12.46
N MET A 92 -21.76 -8.52 12.88
CA MET A 92 -21.69 -7.37 13.78
C MET A 92 -21.91 -6.07 13.05
N ILE A 93 -21.15 -5.83 11.98
CA ILE A 93 -21.25 -4.58 11.23
C ILE A 93 -22.68 -4.33 10.78
N THR A 94 -23.27 -5.32 10.13
CA THR A 94 -24.69 -5.25 9.79
C THR A 94 -25.55 -5.47 11.03
N GLY A 95 -26.80 -5.04 10.95
CA GLY A 95 -27.75 -5.20 12.05
C GLY A 95 -28.19 -6.63 12.33
N ALA A 96 -27.74 -7.56 11.49
CA ALA A 96 -28.19 -8.96 11.50
C ALA A 96 -28.17 -9.59 12.90
N ALA A 97 -27.29 -9.11 13.76
CA ALA A 97 -27.25 -9.56 15.14
C ALA A 97 -27.06 -8.38 16.08
N GLN A 98 -28.00 -8.21 17.00
CA GLN A 98 -27.91 -7.15 17.99
C GLN A 98 -27.50 -7.75 19.32
N MET A 99 -26.44 -7.20 19.91
CA MET A 99 -25.98 -7.69 21.21
C MET A 99 -26.05 -6.59 22.26
N ASP A 100 -26.85 -6.85 23.30
CA ASP A 100 -26.93 -5.93 24.43
C ASP A 100 -25.76 -6.21 25.36
N GLY A 101 -25.09 -7.34 25.11
CA GLY A 101 -23.91 -7.68 25.86
C GLY A 101 -23.05 -8.67 25.08
N ALA A 102 -21.73 -8.54 25.22
CA ALA A 102 -20.82 -9.42 24.50
C ALA A 102 -19.98 -10.24 25.46
N ILE A 103 -19.81 -11.52 25.15
CA ILE A 103 -18.98 -12.40 25.97
C ILE A 103 -17.66 -12.69 25.25
N LEU A 104 -16.61 -12.01 25.67
CA LEU A 104 -15.29 -12.19 25.08
C LEU A 104 -14.57 -13.38 25.70
N VAL A 105 -14.53 -14.49 24.97
CA VAL A 105 -13.83 -15.68 25.45
C VAL A 105 -12.40 -15.70 24.90
N CYS A 106 -11.44 -15.80 25.80
CA CYS A 106 -10.03 -15.79 25.43
C CYS A 106 -9.29 -16.96 26.06
N SER A 107 -8.63 -17.76 25.23
CA SER A 107 -7.84 -18.88 25.70
C SER A 107 -6.67 -18.40 26.56
N ALA A 108 -6.69 -18.74 27.84
CA ALA A 108 -5.64 -18.36 28.76
C ALA A 108 -4.33 -19.09 28.46
N ALA A 109 -4.47 -20.29 27.89
CA ALA A 109 -3.31 -21.11 27.55
C ALA A 109 -2.55 -20.53 26.35
N ASP A 110 -3.27 -19.86 25.47
CA ASP A 110 -2.68 -19.29 24.26
C ASP A 110 -2.51 -17.78 24.37
N GLY A 111 -3.26 -17.16 25.26
CA GLY A 111 -3.22 -15.71 25.40
C GLY A 111 -4.03 -15.00 24.34
N PRO A 112 -4.04 -13.66 24.36
CA PRO A 112 -4.78 -12.86 23.39
C PRO A 112 -4.27 -13.05 21.97
N MET A 113 -5.16 -12.89 21.00
CA MET A 113 -4.86 -13.15 19.60
C MET A 113 -5.45 -12.04 18.72
N PRO A 114 -4.99 -11.90 17.47
CA PRO A 114 -5.44 -10.82 16.59
C PRO A 114 -6.95 -10.61 16.54
N GLN A 115 -7.70 -11.68 16.40
CA GLN A 115 -9.16 -11.59 16.30
C GLN A 115 -9.80 -11.19 17.62
N THR A 116 -9.09 -11.39 18.72
CA THR A 116 -9.59 -10.97 20.03
C THR A 116 -9.65 -9.44 20.08
N ARG A 117 -8.48 -8.83 19.87
CA ARG A 117 -8.37 -7.37 19.85
C ARG A 117 -9.23 -6.77 18.74
N GLU A 118 -9.30 -7.46 17.61
CA GLU A 118 -10.13 -6.99 16.50
C GLU A 118 -11.62 -7.06 16.84
N HIS A 119 -12.01 -8.05 17.64
CA HIS A 119 -13.40 -8.17 18.05
C HIS A 119 -13.76 -7.16 19.13
N ILE A 120 -12.79 -6.81 19.97
CA ILE A 120 -13.00 -5.73 20.94
C ILE A 120 -13.17 -4.41 20.20
N LEU A 121 -12.30 -4.18 19.22
CA LEU A 121 -12.36 -2.98 18.38
C LEU A 121 -13.69 -2.89 17.64
N LEU A 122 -14.11 -4.01 17.05
CA LEU A 122 -15.39 -4.06 16.35
C LEU A 122 -16.55 -3.84 17.30
N SER A 123 -16.40 -4.31 18.53
CA SER A 123 -17.42 -4.11 19.56
C SER A 123 -17.55 -2.64 19.91
N ARG A 124 -16.42 -1.96 19.99
CA ARG A 124 -16.41 -0.51 20.25
C ARG A 124 -17.03 0.26 19.08
N GLN A 125 -16.59 -0.06 17.87
CA GLN A 125 -17.02 0.67 16.67
C GLN A 125 -18.50 0.48 16.36
N VAL A 126 -18.97 -0.76 16.40
CA VAL A 126 -20.33 -1.08 15.98
C VAL A 126 -21.36 -0.72 17.05
N GLY A 127 -20.90 -0.49 18.27
CA GLY A 127 -21.77 -0.03 19.34
C GLY A 127 -22.17 -1.09 20.36
N VAL A 128 -21.36 -2.12 20.53
CA VAL A 128 -21.57 -3.07 21.61
C VAL A 128 -21.20 -2.39 22.91
N PRO A 129 -22.19 -2.19 23.80
CA PRO A 129 -22.01 -1.31 24.96
C PRO A 129 -21.33 -1.98 26.16
N TYR A 130 -21.43 -3.30 26.26
CA TYR A 130 -20.86 -4.00 27.42
C TYR A 130 -20.20 -5.32 27.03
N ILE A 131 -19.05 -5.60 27.65
CA ILE A 131 -18.31 -6.82 27.39
C ILE A 131 -17.91 -7.54 28.67
N VAL A 132 -18.33 -8.79 28.79
CA VAL A 132 -17.89 -9.65 29.89
C VAL A 132 -16.88 -10.66 29.37
N VAL A 133 -15.74 -10.78 30.05
CA VAL A 133 -14.66 -11.63 29.56
C VAL A 133 -14.62 -12.97 30.28
N PHE A 134 -14.62 -14.05 29.50
CA PHE A 134 -14.47 -15.38 30.04
C PHE A 134 -13.11 -15.96 29.64
N LEU A 135 -12.22 -16.11 30.61
CA LEU A 135 -10.89 -16.64 30.34
C LEU A 135 -10.93 -18.15 30.25
N ASN A 136 -11.06 -18.66 29.02
CA ASN A 136 -11.23 -20.09 28.78
C ASN A 136 -9.93 -20.87 28.88
N LYS A 137 -10.05 -22.20 28.92
CA LYS A 137 -8.91 -23.12 28.95
C LYS A 137 -8.03 -22.87 30.17
N ALA A 138 -8.65 -22.68 31.33
CA ALA A 138 -7.93 -22.49 32.57
C ALA A 138 -7.56 -23.81 33.20
N ASP A 139 -7.96 -24.90 32.55
CA ASP A 139 -7.67 -26.25 33.04
C ASP A 139 -6.28 -26.68 32.56
N MET A 140 -5.83 -26.08 31.46
CA MET A 140 -4.55 -26.43 30.88
C MET A 140 -3.42 -25.63 31.51
N VAL A 141 -3.76 -24.72 32.42
CA VAL A 141 -2.77 -23.86 33.04
C VAL A 141 -2.70 -24.09 34.55
N ASP A 142 -1.53 -24.51 35.01
CA ASP A 142 -1.30 -24.76 36.43
C ASP A 142 -0.85 -23.49 37.15
N ASP A 143 -0.17 -22.62 36.42
CA ASP A 143 0.39 -21.40 36.99
C ASP A 143 -0.63 -20.26 36.99
N ALA A 144 -1.05 -19.87 38.19
CA ALA A 144 -2.05 -18.81 38.35
C ALA A 144 -1.53 -17.45 37.87
N GLU A 145 -0.21 -17.29 37.94
CA GLU A 145 0.43 -16.05 37.53
C GLU A 145 0.20 -15.78 36.04
N LEU A 146 0.11 -16.84 35.25
CA LEU A 146 -0.21 -16.70 33.83
C LEU A 146 -1.63 -16.18 33.65
N LEU A 147 -2.56 -16.71 34.44
CA LEU A 147 -3.94 -16.25 34.41
C LEU A 147 -4.03 -14.78 34.78
N GLU A 148 -3.25 -14.39 35.80
CA GLU A 148 -3.18 -13.01 36.23
C GLU A 148 -2.65 -12.11 35.10
N LEU A 149 -1.59 -12.57 34.45
CA LEU A 149 -0.97 -11.82 33.36
C LEU A 149 -1.93 -11.63 32.20
N VAL A 150 -2.55 -12.72 31.75
CA VAL A 150 -3.50 -12.65 30.64
C VAL A 150 -4.70 -11.77 31.01
N GLU A 151 -5.12 -11.83 32.27
CA GLU A 151 -6.16 -10.96 32.78
C GLU A 151 -5.77 -9.49 32.60
N MET A 152 -4.55 -9.16 33.03
CA MET A 152 -4.06 -7.80 32.90
C MET A 152 -3.96 -7.38 31.43
N GLU A 153 -3.65 -8.34 30.56
CA GLU A 153 -3.55 -8.10 29.13
C GLU A 153 -4.91 -7.76 28.50
N VAL A 154 -5.91 -8.60 28.77
CA VAL A 154 -7.25 -8.36 28.23
C VAL A 154 -7.81 -7.06 28.82
N ARG A 155 -7.49 -6.77 30.08
CA ARG A 155 -7.89 -5.50 30.69
C ARG A 155 -7.26 -4.34 29.94
N ASP A 156 -6.00 -4.51 29.56
CA ASP A 156 -5.30 -3.48 28.79
C ASP A 156 -5.95 -3.29 27.42
N LEU A 157 -6.36 -4.38 26.79
CA LEU A 157 -7.05 -4.32 25.51
C LEU A 157 -8.39 -3.60 25.63
N LEU A 158 -9.12 -3.88 26.70
CA LEU A 158 -10.41 -3.24 26.93
C LEU A 158 -10.25 -1.75 27.19
N ASN A 159 -9.29 -1.40 28.04
CA ASN A 159 -8.98 0.01 28.31
C ASN A 159 -8.52 0.72 27.04
N THR A 160 -7.90 -0.03 26.14
CA THR A 160 -7.40 0.50 24.88
C THR A 160 -8.54 0.97 23.98
N TYR A 161 -9.65 0.23 23.98
CA TYR A 161 -10.77 0.55 23.11
C TYR A 161 -11.98 1.06 23.91
N ASP A 162 -11.70 1.91 24.89
CA ASP A 162 -12.72 2.63 25.65
C ASP A 162 -13.69 1.73 26.40
N PHE A 163 -13.26 0.51 26.72
CA PHE A 163 -14.04 -0.36 27.60
C PHE A 163 -13.45 -0.32 29.00
N PRO A 164 -14.32 -0.23 30.02
CA PRO A 164 -13.88 -0.19 31.42
C PRO A 164 -13.22 -1.49 31.86
N GLY A 165 -12.00 -1.74 31.39
CA GLY A 165 -11.30 -2.97 31.66
C GLY A 165 -10.95 -3.16 33.12
N ASP A 166 -10.77 -2.05 33.84
CA ASP A 166 -10.43 -2.09 35.25
C ASP A 166 -11.62 -2.61 36.07
N ASP A 167 -12.83 -2.27 35.62
CA ASP A 167 -14.04 -2.67 36.32
C ASP A 167 -14.71 -3.87 35.64
N THR A 168 -14.21 -4.21 34.46
CA THR A 168 -14.76 -5.33 33.68
C THR A 168 -14.63 -6.64 34.44
N PRO A 169 -15.74 -7.36 34.62
CA PRO A 169 -15.73 -8.67 35.27
C PRO A 169 -15.02 -9.71 34.42
N ILE A 170 -13.93 -10.28 34.93
CA ILE A 170 -13.22 -11.34 34.24
C ILE A 170 -13.39 -12.64 35.00
N ILE A 171 -13.87 -13.67 34.31
CA ILE A 171 -14.08 -14.97 34.94
C ILE A 171 -13.15 -16.04 34.39
N ILE A 172 -12.46 -16.72 35.29
CA ILE A 172 -11.50 -17.76 34.93
C ILE A 172 -12.18 -19.12 34.93
N GLY A 173 -11.96 -19.90 33.88
CA GLY A 173 -12.55 -21.22 33.77
C GLY A 173 -12.24 -21.95 32.48
N SER A 174 -12.91 -23.09 32.29
CA SER A 174 -12.74 -23.90 31.08
C SER A 174 -14.09 -24.37 30.56
N ALA A 175 -14.43 -23.92 29.37
CA ALA A 175 -15.72 -24.26 28.74
C ALA A 175 -15.89 -25.76 28.58
N LEU A 176 -14.81 -26.45 28.22
CA LEU A 176 -14.85 -27.90 28.05
C LEU A 176 -15.05 -28.62 29.37
N MET A 177 -14.29 -28.23 30.39
CA MET A 177 -14.39 -28.83 31.71
C MET A 177 -15.76 -28.56 32.33
N ALA A 178 -16.35 -27.43 31.96
CA ALA A 178 -17.68 -27.07 32.45
C ALA A 178 -18.78 -27.85 31.72
N LEU A 179 -18.56 -28.09 30.42
CA LEU A 179 -19.54 -28.81 29.61
C LEU A 179 -19.60 -30.29 29.99
N GLU A 180 -18.45 -30.88 30.27
CA GLU A 180 -18.37 -32.29 30.62
C GLU A 180 -18.80 -32.58 32.05
N GLY A 181 -19.21 -31.56 32.79
CA GLY A 181 -19.78 -31.74 34.11
C GLY A 181 -18.90 -32.37 35.17
N LYS A 182 -17.74 -31.78 35.42
CA LYS A 182 -16.83 -32.30 36.44
C LYS A 182 -16.57 -31.27 37.54
N ASP A 183 -16.41 -30.02 37.12
CA ASP A 183 -16.20 -28.90 38.04
C ASP A 183 -15.08 -29.12 39.05
N ASP A 184 -13.96 -29.68 38.60
CA ASP A 184 -12.81 -29.87 39.48
C ASP A 184 -12.34 -28.48 39.87
N ASN A 185 -12.09 -28.29 41.16
CA ASN A 185 -11.76 -26.98 41.71
C ASN A 185 -12.95 -26.05 41.52
N GLY A 186 -12.71 -24.91 40.87
CA GLY A 186 -13.73 -23.90 40.66
C GLY A 186 -13.99 -23.65 39.19
N ILE A 187 -13.43 -24.50 38.34
CA ILE A 187 -13.35 -24.24 36.90
C ILE A 187 -14.58 -24.71 36.08
N GLY A 188 -15.34 -25.67 36.59
CA GLY A 188 -16.38 -26.29 35.79
C GLY A 188 -17.71 -25.56 35.76
N VAL A 189 -18.78 -26.26 36.10
CA VAL A 189 -20.14 -25.72 36.05
C VAL A 189 -20.34 -24.51 36.98
N SER A 190 -19.52 -24.45 38.03
CA SER A 190 -19.55 -23.34 38.97
C SER A 190 -19.11 -22.04 38.28
N ALA A 191 -18.13 -22.15 37.41
CA ALA A 191 -17.56 -21.00 36.72
C ALA A 191 -18.58 -20.44 35.71
N VAL A 192 -19.18 -21.33 34.92
CA VAL A 192 -20.21 -20.94 33.96
C VAL A 192 -21.45 -20.39 34.67
N GLN A 193 -21.81 -20.98 35.80
CA GLN A 193 -22.89 -20.44 36.63
C GLN A 193 -22.59 -19.00 37.04
N LYS A 194 -21.34 -18.76 37.41
CA LYS A 194 -20.90 -17.42 37.80
C LYS A 194 -20.88 -16.49 36.59
N LEU A 195 -20.69 -17.07 35.41
CA LEU A 195 -20.73 -16.30 34.16
C LEU A 195 -22.14 -15.80 33.89
N VAL A 196 -23.11 -16.70 33.99
CA VAL A 196 -24.51 -16.34 33.80
C VAL A 196 -24.96 -15.33 34.84
N GLU A 197 -24.55 -15.56 36.09
CA GLU A 197 -24.84 -14.63 37.17
C GLU A 197 -24.24 -13.25 36.88
N THR A 198 -23.05 -13.26 36.28
CA THR A 198 -22.36 -12.03 35.88
C THR A 198 -23.12 -11.34 34.76
N LEU A 199 -23.72 -12.12 33.87
CA LEU A 199 -24.56 -11.56 32.82
C LEU A 199 -25.79 -10.90 33.43
N ASP A 200 -26.27 -11.49 34.53
CA ASP A 200 -27.44 -10.96 35.23
C ASP A 200 -27.12 -9.67 35.99
N SER A 201 -25.90 -9.58 36.52
CA SER A 201 -25.55 -8.47 37.41
C SER A 201 -24.85 -7.30 36.72
N TYR A 202 -24.18 -7.58 35.60
CA TYR A 202 -23.35 -6.57 34.94
C TYR A 202 -24.01 -5.96 33.70
N ILE A 203 -24.58 -6.80 32.85
CA ILE A 203 -25.21 -6.33 31.61
C ILE A 203 -26.61 -5.77 31.88
N PRO A 204 -26.80 -4.47 31.62
CA PRO A 204 -28.07 -3.78 31.85
C PRO A 204 -29.18 -4.24 30.91
N GLU A 205 -30.42 -3.99 31.31
CA GLU A 205 -31.59 -4.37 30.51
C GLU A 205 -31.77 -3.44 29.32
N PRO A 206 -32.00 -4.03 28.14
CA PRO A 206 -32.21 -3.28 26.89
C PRO A 206 -33.42 -2.35 26.97
N VAL A 207 -33.27 -1.13 26.50
CA VAL A 207 -34.39 -0.19 26.46
C VAL A 207 -35.33 -0.62 25.33
N ARG A 208 -36.62 -0.75 25.65
CA ARG A 208 -37.59 -1.20 24.66
C ARG A 208 -37.77 -0.13 23.59
N ALA A 209 -38.06 -0.55 22.37
CA ALA A 209 -38.20 0.36 21.24
C ALA A 209 -39.37 1.32 21.41
N ILE A 210 -40.32 0.94 22.25
CA ILE A 210 -41.49 1.78 22.50
C ILE A 210 -41.22 2.77 23.63
N ASP A 211 -40.13 2.53 24.36
CA ASP A 211 -39.75 3.41 25.47
C ASP A 211 -38.67 4.39 25.04
N GLN A 212 -38.09 4.15 23.86
CA GLN A 212 -37.10 5.05 23.30
C GLN A 212 -37.79 6.36 22.87
N PRO A 213 -37.02 7.45 22.76
CA PRO A 213 -37.60 8.69 22.24
C PRO A 213 -38.16 8.51 20.83
N PHE A 214 -39.19 9.29 20.51
CA PHE A 214 -39.87 9.15 19.22
C PHE A 214 -38.96 9.41 18.03
N LEU A 215 -39.05 8.56 17.03
CA LEU A 215 -38.27 8.69 15.81
C LEU A 215 -39.00 8.02 14.65
N MET A 216 -39.30 8.80 13.61
CA MET A 216 -40.01 8.28 12.46
C MET A 216 -39.48 8.87 11.16
N PRO A 217 -38.90 8.00 10.30
CA PRO A 217 -38.39 8.40 8.98
C PRO A 217 -39.53 8.76 8.03
N ILE A 218 -39.53 9.99 7.53
CA ILE A 218 -40.56 10.43 6.60
C ILE A 218 -40.40 9.75 5.25
N GLU A 219 -41.42 9.00 4.85
CA GLU A 219 -41.37 8.24 3.61
C GLU A 219 -41.90 9.07 2.46
N ASP A 220 -43.07 9.69 2.65
CA ASP A 220 -43.62 10.58 1.63
C ASP A 220 -44.33 11.78 2.27
N VAL A 221 -44.53 12.82 1.48
CA VAL A 221 -45.17 14.04 1.96
C VAL A 221 -46.35 14.44 1.09
N PHE A 222 -47.51 14.64 1.71
CA PHE A 222 -48.69 15.05 0.96
C PHE A 222 -49.07 16.45 1.41
N SER A 223 -49.19 17.38 0.47
CA SER A 223 -49.58 18.74 0.80
C SER A 223 -50.76 19.25 0.00
N ILE A 224 -51.76 19.81 0.69
CA ILE A 224 -52.88 20.43 0.03
C ILE A 224 -53.00 21.87 0.51
N SER A 225 -52.59 22.80 -0.35
CA SER A 225 -52.46 24.24 -0.06
C SER A 225 -53.21 24.73 1.19
N GLY A 226 -54.53 24.83 1.09
CA GLY A 226 -55.35 25.32 2.19
C GLY A 226 -55.60 24.33 3.30
N ARG A 227 -55.69 23.04 2.95
CA ARG A 227 -56.06 22.00 3.91
C ARG A 227 -54.96 21.67 4.91
N GLY A 228 -53.74 21.46 4.41
CA GLY A 228 -52.61 21.14 5.26
C GLY A 228 -51.70 20.07 4.68
N THR A 229 -50.61 19.79 5.39
CA THR A 229 -49.68 18.75 4.96
C THR A 229 -49.52 17.59 5.95
N VAL A 230 -49.67 16.37 5.44
CA VAL A 230 -49.50 15.16 6.22
C VAL A 230 -48.28 14.39 5.73
N VAL A 231 -47.43 13.91 6.65
CA VAL A 231 -46.27 13.13 6.25
C VAL A 231 -46.46 11.66 6.64
N THR A 232 -46.26 10.78 5.66
CA THR A 232 -46.48 9.35 5.87
C THR A 232 -45.18 8.56 5.93
N GLY A 233 -45.16 7.53 6.77
CA GLY A 233 -44.00 6.68 6.94
C GLY A 233 -44.21 5.67 8.06
N ARG A 234 -43.16 4.92 8.39
CA ARG A 234 -43.23 3.93 9.45
C ARG A 234 -42.48 4.40 10.69
N VAL A 235 -43.17 4.39 11.83
CA VAL A 235 -42.55 4.81 13.09
C VAL A 235 -41.52 3.79 13.56
N GLU A 236 -40.28 4.23 13.69
CA GLU A 236 -39.18 3.36 14.11
C GLU A 236 -39.08 3.26 15.63
N ARG A 237 -39.13 4.40 16.31
CA ARG A 237 -39.00 4.43 17.76
C ARG A 237 -40.07 5.30 18.41
N GLY A 238 -40.40 4.97 19.66
CA GLY A 238 -41.27 5.81 20.48
C GLY A 238 -42.70 5.92 20.00
N ILE A 239 -43.45 6.82 20.64
CA ILE A 239 -44.85 7.06 20.32
C ILE A 239 -45.10 8.54 20.09
N ILE A 240 -45.78 8.87 18.99
CA ILE A 240 -46.17 10.24 18.72
C ILE A 240 -47.63 10.46 19.10
N LYS A 241 -47.88 11.53 19.84
CA LYS A 241 -49.23 11.84 20.29
C LYS A 241 -49.73 13.14 19.68
N VAL A 242 -51.04 13.30 19.63
CA VAL A 242 -51.66 14.53 19.14
C VAL A 242 -51.29 15.68 20.07
N GLN A 243 -51.11 16.87 19.48
CA GLN A 243 -50.78 18.09 20.22
C GLN A 243 -49.39 18.05 20.85
N GLU A 244 -48.57 17.09 20.42
CA GLU A 244 -47.19 17.01 20.87
C GLU A 244 -46.25 17.74 19.91
N GLU A 245 -45.23 18.37 20.47
CA GLU A 245 -44.23 19.07 19.67
C GLU A 245 -43.19 18.09 19.14
N VAL A 246 -42.83 18.24 17.87
CA VAL A 246 -41.84 17.37 17.24
C VAL A 246 -40.87 18.16 16.38
N GLU A 247 -39.68 17.59 16.18
CA GLU A 247 -38.66 18.24 15.35
C GLU A 247 -38.48 17.53 14.03
N ILE A 248 -38.51 18.31 12.95
CA ILE A 248 -38.18 17.83 11.61
C ILE A 248 -36.69 17.99 11.40
N VAL A 249 -35.97 16.88 11.43
CA VAL A 249 -34.50 16.93 11.39
C VAL A 249 -33.94 16.25 10.14
N GLY A 250 -32.94 16.89 9.54
CA GLY A 250 -32.28 16.34 8.36
C GLY A 250 -32.30 17.25 7.15
N ILE A 251 -31.40 17.00 6.21
CA ILE A 251 -31.31 17.73 4.95
C ILE A 251 -31.10 19.23 5.11
N LYS A 252 -32.06 19.91 5.73
CA LYS A 252 -31.97 21.34 5.93
C LYS A 252 -31.99 21.68 7.42
N ALA A 253 -32.32 22.93 7.74
CA ALA A 253 -32.38 23.36 9.13
C ALA A 253 -33.49 22.61 9.88
N THR A 254 -33.20 22.26 11.12
CA THR A 254 -34.17 21.55 11.96
C THR A 254 -35.38 22.45 12.20
N THR A 255 -36.57 21.90 12.01
CA THR A 255 -37.79 22.70 12.17
C THR A 255 -38.60 22.22 13.37
N LYS A 256 -39.43 23.11 13.90
CA LYS A 256 -40.28 22.78 15.04
C LYS A 256 -41.73 22.76 14.60
N THR A 257 -42.46 21.70 14.98
CA THR A 257 -43.85 21.55 14.58
C THR A 257 -44.68 20.90 15.68
N THR A 258 -45.98 20.76 15.43
CA THR A 258 -46.89 20.13 16.38
C THR A 258 -47.81 19.15 15.66
N CYS A 259 -47.88 17.93 16.17
CA CYS A 259 -48.73 16.90 15.59
C CYS A 259 -50.20 17.17 15.90
N THR A 260 -50.98 17.50 14.86
CA THR A 260 -52.39 17.82 15.03
C THR A 260 -53.27 16.59 14.84
N GLY A 261 -52.70 15.52 14.31
CA GLY A 261 -53.46 14.29 14.10
C GLY A 261 -52.64 13.13 13.59
N VAL A 262 -53.03 11.92 14.00
CA VAL A 262 -52.41 10.70 13.53
C VAL A 262 -53.42 9.87 12.73
N GLU A 263 -53.03 9.42 11.55
CA GLU A 263 -53.96 8.71 10.68
C GLU A 263 -53.38 7.38 10.21
N MET A 264 -54.13 6.31 10.46
CA MET A 264 -53.78 4.98 9.99
C MET A 264 -54.91 4.45 9.13
N PHE A 265 -54.62 4.29 7.83
CA PHE A 265 -55.64 3.93 6.84
C PHE A 265 -56.79 4.95 6.89
N ARG A 266 -57.99 4.47 7.19
CA ARG A 266 -59.14 5.35 7.35
C ARG A 266 -59.17 5.97 8.74
N LYS A 267 -58.71 5.21 9.73
CA LYS A 267 -58.82 5.56 11.14
C LYS A 267 -58.00 6.79 11.55
N LEU A 268 -58.56 7.62 12.42
CA LEU A 268 -57.81 8.68 13.07
C LEU A 268 -57.58 8.26 14.52
N LEU A 269 -56.31 8.13 14.88
CA LEU A 269 -55.92 7.56 16.16
C LEU A 269 -55.50 8.64 17.16
N ASP A 270 -55.56 8.30 18.44
CA ASP A 270 -55.13 9.21 19.50
C ASP A 270 -53.61 9.37 19.47
N GLU A 271 -52.93 8.33 18.97
CA GLU A 271 -51.47 8.34 18.91
C GLU A 271 -50.95 7.35 17.86
N GLY A 272 -49.68 7.46 17.54
CA GLY A 272 -49.02 6.53 16.65
C GLY A 272 -47.82 5.91 17.34
N ARG A 273 -47.83 4.60 17.51
CA ARG A 273 -46.77 3.91 18.22
C ARG A 273 -45.77 3.27 17.25
N ALA A 274 -44.62 2.87 17.79
CA ALA A 274 -43.55 2.30 16.97
C ALA A 274 -43.98 1.01 16.27
N GLY A 275 -43.51 0.84 15.04
CA GLY A 275 -43.83 -0.33 14.26
C GLY A 275 -45.02 -0.11 13.34
N GLU A 276 -45.80 0.93 13.61
CA GLU A 276 -46.99 1.22 12.81
C GLU A 276 -46.70 2.14 11.63
N ASN A 277 -47.29 1.82 10.49
CA ASN A 277 -47.19 2.66 9.30
C ASN A 277 -48.29 3.71 9.31
N VAL A 278 -47.93 4.95 9.66
CA VAL A 278 -48.93 6.00 9.82
C VAL A 278 -48.64 7.25 9.00
N GLY A 279 -49.60 8.17 9.01
CA GLY A 279 -49.44 9.48 8.41
C GLY A 279 -49.82 10.55 9.43
N ILE A 280 -48.86 11.40 9.78
CA ILE A 280 -49.05 12.42 10.80
C ILE A 280 -49.20 13.82 10.19
N LEU A 281 -50.25 14.51 10.61
CA LEU A 281 -50.53 15.85 10.12
C LEU A 281 -49.65 16.88 10.83
N LEU A 282 -48.95 17.71 10.05
CA LEU A 282 -48.09 18.73 10.61
C LEU A 282 -48.71 20.13 10.48
N ARG A 283 -48.82 20.83 11.60
CA ARG A 283 -49.49 22.13 11.65
C ARG A 283 -48.60 23.26 11.12
N GLY A 284 -49.19 24.11 10.28
CA GLY A 284 -48.52 25.29 9.76
C GLY A 284 -47.26 24.99 8.96
N THR A 285 -47.26 23.85 8.29
CA THR A 285 -46.10 23.42 7.50
C THR A 285 -46.45 23.38 6.01
N LYS A 286 -45.42 23.42 5.17
CA LYS A 286 -45.59 23.34 3.72
C LYS A 286 -44.75 22.20 3.16
N ARG A 287 -45.05 21.76 1.95
CA ARG A 287 -44.32 20.67 1.32
C ARG A 287 -42.88 21.08 1.00
N GLU A 288 -42.68 22.37 0.77
CA GLU A 288 -41.34 22.88 0.49
C GLU A 288 -40.48 22.82 1.75
N ASP A 289 -41.15 22.79 2.91
CA ASP A 289 -40.47 22.73 4.19
C ASP A 289 -40.08 21.30 4.54
N VAL A 290 -40.82 20.33 4.03
CA VAL A 290 -40.58 18.92 4.36
C VAL A 290 -40.10 18.11 3.15
N GLU A 291 -39.01 17.37 3.34
CA GLU A 291 -38.46 16.52 2.29
C GLU A 291 -38.41 15.06 2.71
N ARG A 292 -37.87 14.22 1.84
CA ARG A 292 -37.63 12.82 2.17
C ARG A 292 -36.33 12.69 2.96
N GLY A 293 -36.20 11.60 3.70
CA GLY A 293 -35.02 11.35 4.49
C GLY A 293 -35.02 12.07 5.83
N GLN A 294 -35.75 13.19 5.89
CA GLN A 294 -35.90 13.90 7.14
C GLN A 294 -36.71 13.04 8.10
N VAL A 295 -36.49 13.22 9.40
CA VAL A 295 -37.19 12.42 10.38
C VAL A 295 -37.93 13.29 11.39
N LEU A 296 -39.05 12.78 11.88
CA LEU A 296 -39.77 13.41 12.98
C LEU A 296 -39.26 12.81 14.27
N ALA A 297 -38.81 13.67 15.19
CA ALA A 297 -38.23 13.16 16.42
C ALA A 297 -38.62 13.97 17.64
N LYS A 298 -38.46 13.37 18.81
CA LYS A 298 -38.62 14.09 20.08
C LYS A 298 -37.57 15.19 20.14
N PRO A 299 -37.99 16.42 20.48
CA PRO A 299 -37.11 17.59 20.49
C PRO A 299 -35.84 17.39 21.30
N GLY A 300 -34.70 17.55 20.63
CA GLY A 300 -33.40 17.47 21.30
C GLY A 300 -32.87 16.06 21.47
N THR A 301 -33.40 15.11 20.72
CA THR A 301 -32.97 13.72 20.81
C THR A 301 -32.11 13.30 19.63
N ILE A 302 -32.19 14.05 18.53
CA ILE A 302 -31.41 13.75 17.34
C ILE A 302 -30.95 15.05 16.67
N LYS A 303 -29.89 14.94 15.87
CA LYS A 303 -29.32 16.09 15.20
C LYS A 303 -28.76 15.71 13.83
N PRO A 304 -28.69 16.67 12.90
CA PRO A 304 -28.14 16.38 11.58
C PRO A 304 -26.62 16.45 11.57
N HIS A 305 -25.98 15.61 10.76
CA HIS A 305 -24.52 15.63 10.66
C HIS A 305 -24.07 15.37 9.22
N THR A 306 -22.90 15.89 8.86
CA THR A 306 -22.35 15.72 7.53
C THR A 306 -21.10 14.84 7.54
N LYS A 307 -20.25 15.07 8.53
CA LYS A 307 -18.97 14.36 8.62
C LYS A 307 -18.94 13.45 9.85
N PHE A 308 -18.65 12.17 9.63
CA PHE A 308 -18.63 11.19 10.70
C PHE A 308 -17.70 10.02 10.39
N GLU A 309 -17.11 9.46 11.44
CA GLU A 309 -16.29 8.25 11.32
C GLU A 309 -17.17 7.02 11.45
N CYS A 310 -16.94 6.03 10.59
CA CYS A 310 -17.77 4.83 10.59
C CYS A 310 -16.97 3.58 10.25
N GLU A 311 -17.57 2.42 10.50
CA GLU A 311 -16.99 1.15 10.09
C GLU A 311 -17.82 0.57 8.96
N VAL A 312 -17.18 0.26 7.84
CA VAL A 312 -17.91 -0.20 6.67
C VAL A 312 -17.38 -1.54 6.15
N TYR A 313 -18.29 -2.34 5.62
CA TYR A 313 -17.94 -3.60 4.99
C TYR A 313 -18.30 -3.57 3.51
N VAL A 314 -17.32 -3.83 2.66
CA VAL A 314 -17.54 -3.82 1.21
C VAL A 314 -17.96 -5.21 0.74
N LEU A 315 -19.02 -5.26 -0.05
CA LEU A 315 -19.50 -6.54 -0.58
C LEU A 315 -18.56 -7.09 -1.63
N SER A 316 -18.29 -8.39 -1.57
CA SER A 316 -17.43 -9.03 -2.55
C SER A 316 -18.15 -9.19 -3.87
N LYS A 317 -17.40 -9.53 -4.92
CA LYS A 317 -17.95 -9.68 -6.26
C LYS A 317 -19.04 -10.75 -6.32
N GLU A 318 -18.91 -11.79 -5.50
CA GLU A 318 -19.87 -12.89 -5.48
C GLU A 318 -21.24 -12.47 -4.95
N GLU A 319 -21.24 -11.72 -3.85
CA GLU A 319 -22.47 -11.33 -3.18
C GLU A 319 -23.13 -10.09 -3.82
N GLY A 320 -22.71 -9.77 -5.04
CA GLY A 320 -23.31 -8.66 -5.78
C GLY A 320 -22.55 -7.36 -5.67
N GLY A 321 -21.34 -7.41 -5.10
CA GLY A 321 -20.54 -6.22 -4.96
C GLY A 321 -19.77 -5.85 -6.22
N ARG A 322 -19.01 -4.76 -6.13
CA ARG A 322 -18.23 -4.26 -7.27
C ARG A 322 -17.02 -5.13 -7.57
N HIS A 323 -16.44 -4.93 -8.75
CA HIS A 323 -15.28 -5.67 -9.21
C HIS A 323 -14.00 -4.86 -9.00
N THR A 324 -14.15 -3.65 -8.46
CA THR A 324 -13.02 -2.74 -8.32
C THR A 324 -12.88 -2.16 -6.92
N PRO A 325 -11.63 -1.98 -6.47
CA PRO A 325 -11.25 -1.37 -5.18
C PRO A 325 -11.63 0.11 -5.07
N PHE A 326 -11.23 0.75 -3.98
CA PHE A 326 -11.61 2.15 -3.76
C PHE A 326 -10.44 3.10 -3.95
N PHE A 327 -10.75 4.40 -3.98
CA PHE A 327 -9.75 5.44 -4.04
C PHE A 327 -10.03 6.45 -2.92
N LYS A 328 -9.30 7.56 -2.91
CA LYS A 328 -9.53 8.60 -1.92
C LYS A 328 -10.69 9.49 -2.35
N GLY A 329 -10.87 9.62 -3.65
CA GLY A 329 -11.92 10.45 -4.22
C GLY A 329 -13.20 9.71 -4.53
N TYR A 330 -13.38 8.53 -3.94
CA TYR A 330 -14.58 7.75 -4.16
C TYR A 330 -15.81 8.50 -3.65
N ARG A 331 -16.87 8.49 -4.44
CA ARG A 331 -18.10 9.19 -4.09
C ARG A 331 -19.33 8.29 -4.24
N PRO A 332 -19.40 7.21 -3.45
CA PRO A 332 -20.53 6.27 -3.58
C PRO A 332 -21.80 6.85 -3.00
N GLN A 333 -22.94 6.23 -3.24
CA GLN A 333 -24.18 6.72 -2.66
C GLN A 333 -24.36 6.14 -1.27
N PHE A 334 -24.86 6.94 -0.33
CA PHE A 334 -25.09 6.46 1.02
C PHE A 334 -26.58 6.44 1.35
N TYR A 335 -27.09 5.27 1.70
CA TYR A 335 -28.50 5.11 1.98
C TYR A 335 -28.76 5.18 3.48
N PHE A 336 -29.44 6.25 3.89
CA PHE A 336 -29.77 6.48 5.29
C PHE A 336 -31.27 6.38 5.49
N ARG A 337 -31.69 5.34 6.20
CA ARG A 337 -33.09 5.10 6.53
C ARG A 337 -33.96 5.02 5.28
N THR A 338 -34.49 6.16 4.84
CA THR A 338 -35.37 6.19 3.68
C THR A 338 -34.85 7.03 2.51
N THR A 339 -33.59 7.44 2.55
CA THR A 339 -33.09 8.34 1.52
C THR A 339 -31.70 8.00 0.97
N ASP A 340 -31.42 8.53 -0.22
CA ASP A 340 -30.11 8.43 -0.84
C ASP A 340 -29.38 9.77 -0.74
N VAL A 341 -28.15 9.72 -0.25
CA VAL A 341 -27.33 10.93 -0.08
C VAL A 341 -25.90 10.71 -0.54
N THR A 342 -25.44 11.54 -1.47
CA THR A 342 -24.08 11.46 -1.98
C THR A 342 -23.09 11.96 -0.94
N GLY A 343 -22.01 11.22 -0.73
CA GLY A 343 -21.01 11.60 0.26
C GLY A 343 -19.61 11.12 -0.04
N ASN A 344 -18.64 11.95 0.30
CA ASN A 344 -17.23 11.61 0.12
C ASN A 344 -16.75 10.65 1.20
N CYS A 345 -15.63 9.97 0.95
CA CYS A 345 -15.09 9.02 1.91
C CYS A 345 -13.57 9.10 2.00
N GLU A 346 -13.06 9.06 3.23
CA GLU A 346 -11.63 9.11 3.50
C GLU A 346 -11.15 7.78 4.06
N LEU A 347 -10.12 7.22 3.43
CA LEU A 347 -9.58 5.92 3.82
C LEU A 347 -8.65 6.05 5.03
N PRO A 348 -8.47 4.97 5.79
CA PRO A 348 -7.59 5.00 6.97
C PRO A 348 -6.11 5.14 6.58
N GLU A 349 -5.28 5.47 7.57
CA GLU A 349 -3.86 5.69 7.35
C GLU A 349 -3.12 4.43 6.92
N GLY A 350 -2.28 4.56 5.90
CA GLY A 350 -1.45 3.46 5.44
C GLY A 350 -2.12 2.63 4.35
N VAL A 351 -3.41 2.90 4.12
CA VAL A 351 -4.18 2.16 3.13
C VAL A 351 -4.80 3.12 2.11
N GLU A 352 -4.73 2.75 0.84
CA GLU A 352 -5.32 3.55 -0.22
C GLU A 352 -6.08 2.66 -1.19
N MET A 353 -6.02 1.36 -0.97
CA MET A 353 -6.73 0.40 -1.81
C MET A 353 -7.38 -0.67 -0.95
N VAL A 354 -8.68 -0.89 -1.15
CA VAL A 354 -9.41 -1.92 -0.41
C VAL A 354 -10.22 -2.82 -1.34
N MET A 355 -9.95 -4.12 -1.27
CA MET A 355 -10.63 -5.09 -2.13
C MET A 355 -12.04 -5.38 -1.62
N PRO A 356 -12.95 -5.71 -2.55
CA PRO A 356 -14.33 -6.09 -2.19
C PRO A 356 -14.37 -7.30 -1.27
N GLY A 357 -14.83 -7.11 -0.04
CA GLY A 357 -14.87 -8.16 0.94
C GLY A 357 -14.17 -7.76 2.23
N ASP A 358 -13.55 -6.58 2.21
CA ASP A 358 -12.83 -6.08 3.37
C ASP A 358 -13.70 -5.18 4.24
N ASN A 359 -13.31 -5.03 5.50
CA ASN A 359 -13.99 -4.11 6.41
C ASN A 359 -12.99 -3.08 6.94
N ILE A 360 -13.34 -1.80 6.81
CA ILE A 360 -12.41 -0.73 7.18
C ILE A 360 -13.05 0.40 7.97
N LYS A 361 -12.21 1.18 8.63
CA LYS A 361 -12.62 2.42 9.29
C LYS A 361 -12.54 3.58 8.31
N MET A 362 -13.69 4.08 7.91
CA MET A 362 -13.78 5.09 6.86
C MET A 362 -14.41 6.37 7.38
N VAL A 363 -13.88 7.52 6.96
CA VAL A 363 -14.41 8.81 7.41
C VAL A 363 -15.25 9.46 6.33
N VAL A 364 -16.57 9.40 6.51
CA VAL A 364 -17.51 9.88 5.49
C VAL A 364 -17.89 11.35 5.69
N THR A 365 -17.79 12.13 4.62
CA THR A 365 -18.22 13.52 4.65
C THR A 365 -19.34 13.74 3.62
N LEU A 366 -20.57 13.81 4.10
CA LEU A 366 -21.73 13.96 3.23
C LEU A 366 -21.83 15.36 2.65
N ILE A 367 -22.64 15.51 1.60
CA ILE A 367 -22.89 16.81 0.99
C ILE A 367 -24.14 17.45 1.60
N ALA A 368 -24.88 16.65 2.36
CA ALA A 368 -26.09 17.12 3.02
C ALA A 368 -26.20 16.52 4.41
N PRO A 369 -26.55 17.36 5.40
CA PRO A 369 -26.67 16.90 6.79
C PRO A 369 -27.83 15.93 6.99
N ILE A 370 -27.58 14.81 7.65
CA ILE A 370 -28.60 13.81 7.92
C ILE A 370 -28.75 13.59 9.42
N ALA A 371 -30.00 13.60 9.89
CA ALA A 371 -30.28 13.32 11.29
C ALA A 371 -29.78 11.93 11.64
N MET A 372 -28.75 11.87 12.49
CA MET A 372 -28.10 10.59 12.76
C MET A 372 -27.57 10.46 14.18
N GLU A 373 -27.35 9.22 14.60
CA GLU A 373 -26.83 8.91 15.93
C GLU A 373 -25.72 7.88 15.85
N ASP A 374 -24.95 7.73 16.92
CA ASP A 374 -23.91 6.71 16.96
C ASP A 374 -24.53 5.32 16.98
N GLY A 375 -24.00 4.43 16.16
CA GLY A 375 -24.50 3.07 16.10
C GLY A 375 -25.49 2.83 14.99
N LEU A 376 -25.88 3.90 14.30
CA LEU A 376 -26.85 3.81 13.21
C LEU A 376 -26.28 3.07 12.01
N ARG A 377 -26.92 1.96 11.65
CA ARG A 377 -26.51 1.21 10.48
C ARG A 377 -27.02 1.89 9.22
N PHE A 378 -26.23 1.84 8.16
CA PHE A 378 -26.59 2.45 6.89
C PHE A 378 -26.13 1.61 5.72
N ALA A 379 -26.61 1.94 4.53
CA ALA A 379 -26.21 1.18 3.35
C ALA A 379 -25.28 2.02 2.47
N ILE A 380 -24.51 1.34 1.64
CA ILE A 380 -23.69 2.00 0.64
C ILE A 380 -24.01 1.40 -0.72
N ARG A 381 -24.48 2.22 -1.64
CA ARG A 381 -24.94 1.69 -2.93
C ARG A 381 -24.24 2.35 -4.12
N GLU A 382 -24.21 1.56 -5.20
CA GLU A 382 -23.72 1.98 -6.50
C GLU A 382 -24.82 1.74 -7.52
N GLY A 383 -25.22 2.80 -8.22
CA GLY A 383 -26.27 2.73 -9.22
C GLY A 383 -27.56 2.17 -8.67
N GLY A 384 -27.79 2.37 -7.38
CA GLY A 384 -29.01 1.94 -6.72
C GLY A 384 -28.94 0.53 -6.15
N ARG A 385 -27.85 -0.17 -6.40
CA ARG A 385 -27.70 -1.53 -5.90
C ARG A 385 -26.62 -1.58 -4.82
N THR A 386 -26.91 -2.27 -3.72
CA THR A 386 -26.01 -2.32 -2.57
C THR A 386 -24.65 -2.88 -2.95
N VAL A 387 -23.61 -2.16 -2.54
CA VAL A 387 -22.23 -2.55 -2.79
C VAL A 387 -21.50 -2.68 -1.46
N GLY A 388 -22.15 -2.24 -0.39
CA GLY A 388 -21.58 -2.32 0.94
C GLY A 388 -22.56 -1.97 2.03
N ALA A 389 -22.16 -2.18 3.28
CA ALA A 389 -22.98 -1.83 4.43
C ALA A 389 -22.09 -1.37 5.58
N GLY A 390 -22.57 -0.39 6.34
CA GLY A 390 -21.77 0.17 7.41
C GLY A 390 -22.57 0.59 8.63
N VAL A 391 -21.86 1.16 9.60
CA VAL A 391 -22.47 1.62 10.84
C VAL A 391 -21.71 2.82 11.39
N VAL A 392 -22.44 3.85 11.81
CA VAL A 392 -21.83 5.06 12.34
C VAL A 392 -21.05 4.75 13.62
N ALA A 393 -19.73 4.74 13.52
CA ALA A 393 -18.87 4.47 14.67
C ALA A 393 -18.89 5.62 15.66
N LYS A 394 -18.70 6.83 15.15
CA LYS A 394 -18.62 8.01 15.98
C LYS A 394 -18.84 9.28 15.17
N ILE A 395 -19.59 10.21 15.72
CA ILE A 395 -19.87 11.46 15.04
C ILE A 395 -18.71 12.43 15.20
N ILE A 396 -18.22 12.98 14.10
CA ILE A 396 -17.10 13.90 14.15
C ILE A 396 -17.67 15.31 14.21
N GLU A 397 -17.48 15.96 15.35
CA GLU A 397 -17.97 17.32 15.55
C GLU A 397 -17.10 18.35 14.84
N LEU A 398 -17.73 19.44 14.44
CA LEU A 398 -17.02 20.56 13.85
C LEU A 398 -17.15 21.79 14.74
N GLU A 399 -16.21 21.95 15.66
CA GLU A 399 -16.26 23.05 16.62
C GLU A 399 -14.86 23.38 17.16
N ASP B 12 -3.94 -0.37 37.38
CA ASP B 12 -3.18 -1.42 38.04
C ASP B 12 -1.72 -1.01 38.19
N ASP B 13 -1.14 -1.34 39.34
CA ASP B 13 0.25 -1.00 39.62
C ASP B 13 1.19 -1.72 38.65
N PRO B 14 2.13 -0.97 38.05
CA PRO B 14 3.14 -1.51 37.14
C PRO B 14 4.14 -2.41 37.87
N GLN B 15 5.37 -2.48 37.37
CA GLN B 15 6.41 -3.33 37.93
C GLN B 15 6.02 -4.81 37.92
N ARG B 16 4.88 -5.13 38.54
CA ARG B 16 4.35 -6.49 38.50
C ARG B 16 3.97 -6.88 37.08
N ARG B 17 3.40 -5.94 36.33
CA ARG B 17 3.09 -6.20 34.92
C ARG B 17 4.39 -6.44 34.16
N ALA B 18 5.39 -5.65 34.51
CA ALA B 18 6.74 -5.79 33.95
C ALA B 18 7.33 -7.14 34.37
N TYR B 19 7.06 -7.51 35.62
CA TYR B 19 7.52 -8.77 36.18
C TYR B 19 6.97 -9.92 35.34
N LEU B 20 5.67 -9.87 35.06
CA LEU B 20 5.00 -10.91 34.28
C LEU B 20 5.46 -10.93 32.84
N ASN B 21 5.60 -9.75 32.24
CA ASN B 21 6.03 -9.63 30.85
C ASN B 21 7.42 -10.23 30.66
N ASN B 22 8.34 -9.86 31.55
CA ASN B 22 9.71 -10.34 31.50
C ASN B 22 9.79 -11.84 31.80
N LYS B 23 8.93 -12.29 32.72
CA LYS B 23 8.91 -13.69 33.12
C LYS B 23 8.41 -14.62 32.02
N PHE B 24 7.36 -14.21 31.34
CA PHE B 24 6.68 -15.12 30.41
C PHE B 24 7.06 -15.01 28.94
N GLY B 25 7.97 -14.09 28.62
CA GLY B 25 8.42 -13.96 27.24
C GLY B 25 8.03 -12.63 26.64
N ARG B 26 6.95 -12.05 27.17
CA ARG B 26 6.34 -10.84 26.59
C ARG B 26 7.31 -9.67 26.52
N SER B 27 7.22 -8.92 25.44
CA SER B 27 8.16 -7.83 25.19
C SER B 27 7.49 -6.52 24.81
N GLY B 28 7.21 -5.68 25.80
CA GLY B 28 6.69 -4.35 25.54
C GLY B 28 5.22 -4.28 25.18
N ASN B 29 4.96 -3.66 24.03
CA ASN B 29 3.60 -3.49 23.52
C ASN B 29 2.90 -4.81 23.25
N LEU B 30 1.63 -4.88 23.64
CA LEU B 30 0.83 -6.08 23.49
C LEU B 30 0.54 -6.42 22.03
N ASP B 31 0.23 -5.40 21.24
CA ASP B 31 -0.08 -5.57 19.83
C ASP B 31 0.98 -6.38 19.08
N HIS B 32 2.24 -6.13 19.40
CA HIS B 32 3.36 -6.81 18.76
C HIS B 32 3.32 -8.31 19.02
N ASP B 33 3.19 -8.69 20.28
CA ASP B 33 3.16 -10.09 20.67
C ASP B 33 1.90 -10.76 20.15
N ILE B 34 0.84 -9.98 20.03
CA ILE B 34 -0.42 -10.48 19.45
C ILE B 34 -0.23 -10.85 17.98
N ASN B 35 0.39 -9.95 17.22
CA ASN B 35 0.71 -10.22 15.82
C ASN B 35 1.67 -11.40 15.68
N TYR B 36 2.61 -11.48 16.63
CA TYR B 36 3.55 -12.58 16.73
C TYR B 36 2.78 -13.91 16.79
N ARG B 37 1.92 -14.01 17.80
CA ARG B 37 1.11 -15.20 18.01
C ARG B 37 0.25 -15.52 16.79
N GLY B 38 -0.35 -14.49 16.21
CA GLY B 38 -1.18 -14.65 15.03
C GLY B 38 -0.42 -15.24 13.85
N ASN B 39 0.80 -14.74 13.61
CA ASN B 39 1.63 -15.23 12.53
C ASN B 39 2.05 -16.69 12.76
N ARG B 40 2.47 -16.99 13.98
CA ARG B 40 2.83 -18.37 14.32
C ARG B 40 1.63 -19.30 14.09
N GLU B 41 0.46 -18.87 14.53
CA GLU B 41 -0.76 -19.65 14.35
C GLU B 41 -1.05 -19.87 12.87
N THR B 42 -0.81 -18.84 12.06
CA THR B 42 -1.02 -18.93 10.63
C THR B 42 -0.08 -19.97 10.02
N ALA B 43 1.16 -19.98 10.48
CA ALA B 43 2.15 -20.94 10.00
C ALA B 43 1.77 -22.37 10.34
N ALA B 44 1.39 -22.59 11.60
CA ALA B 44 0.96 -23.92 12.05
C ALA B 44 -0.26 -24.39 11.27
N LYS B 45 -1.20 -23.47 11.08
CA LYS B 45 -2.43 -23.76 10.34
C LYS B 45 -2.12 -24.15 8.91
N PHE B 46 -1.14 -23.49 8.30
CA PHE B 46 -0.74 -23.83 6.95
C PHE B 46 -0.14 -25.22 6.92
N PHE B 47 0.77 -25.49 7.85
CA PHE B 47 1.46 -26.77 7.87
C PHE B 47 0.51 -27.94 8.10
N LYS B 48 -0.49 -27.75 8.96
CA LYS B 48 -1.52 -28.76 9.15
C LYS B 48 -2.42 -28.92 7.92
N SER B 49 -2.86 -27.79 7.38
CA SER B 49 -3.79 -27.76 6.26
C SER B 49 -3.21 -28.34 4.97
N LYS B 50 -1.94 -28.06 4.73
CA LYS B 50 -1.29 -28.53 3.50
C LYS B 50 -0.31 -29.68 3.73
N ASP B 51 -0.67 -30.84 3.20
CA ASP B 51 0.09 -32.08 3.34
C ASP B 51 0.54 -32.42 4.76
N ILE B 52 1.82 -32.76 4.89
CA ILE B 52 2.39 -33.24 6.14
C ILE B 52 2.43 -32.22 7.28
N ASP B 53 2.15 -32.70 8.49
CA ASP B 53 2.29 -31.90 9.70
C ASP B 53 3.01 -32.58 10.89
N PRO B 54 3.91 -33.56 10.63
CA PRO B 54 4.48 -34.31 11.75
C PRO B 54 5.41 -33.51 12.68
N ALA B 55 6.54 -34.13 13.01
CA ALA B 55 7.57 -33.53 13.84
C ALA B 55 8.24 -32.38 13.10
N ASP B 56 8.37 -32.54 11.78
CA ASP B 56 9.12 -31.60 10.94
C ASP B 56 8.59 -30.18 11.04
N ALA B 57 7.26 -30.06 11.09
CA ALA B 57 6.58 -28.76 11.15
C ALA B 57 7.21 -27.80 12.15
N GLU B 58 7.62 -28.32 13.30
CA GLU B 58 8.29 -27.52 14.33
C GLU B 58 9.65 -27.02 13.86
N SER B 59 10.44 -27.90 13.26
CA SER B 59 11.76 -27.55 12.75
C SER B 59 11.65 -26.49 11.66
N TYR B 60 10.65 -26.65 10.80
CA TYR B 60 10.34 -25.68 9.76
C TYR B 60 9.98 -24.35 10.41
N MET B 61 9.19 -24.45 11.48
CA MET B 61 8.69 -23.30 12.22
C MET B 61 9.82 -22.48 12.82
N ASN B 62 10.88 -23.17 13.24
CA ASN B 62 12.06 -22.52 13.80
C ASN B 62 12.71 -21.61 12.77
N GLY B 63 12.56 -21.98 11.49
CA GLY B 63 13.12 -21.22 10.38
C GLY B 63 12.36 -19.96 10.03
N LEU B 64 11.14 -19.82 10.56
CA LEU B 64 10.31 -18.66 10.25
C LEU B 64 10.41 -17.57 11.30
N ASP B 65 10.54 -16.33 10.86
CA ASP B 65 10.52 -15.17 11.74
C ASP B 65 9.12 -14.58 11.77
N PHE B 66 8.50 -14.59 12.96
CA PHE B 66 7.10 -14.20 13.08
C PHE B 66 6.91 -12.75 13.51
N ASN B 67 8.00 -12.07 13.87
CA ASN B 67 7.93 -10.64 14.17
C ASN B 67 7.49 -9.87 12.93
N HIS B 68 8.09 -10.23 11.80
CA HIS B 68 7.63 -9.75 10.50
C HIS B 68 6.48 -10.63 10.04
N PRO B 69 5.51 -10.06 9.30
CA PRO B 69 4.29 -10.79 8.98
C PRO B 69 4.50 -11.99 8.05
N VAL B 70 3.97 -13.15 8.46
CA VAL B 70 3.96 -14.35 7.64
C VAL B 70 2.53 -14.69 7.21
N ARG B 71 2.27 -14.60 5.92
CA ARG B 71 0.90 -14.73 5.42
C ARG B 71 0.74 -15.85 4.40
N VAL B 72 -0.42 -16.50 4.41
CA VAL B 72 -0.72 -17.53 3.42
C VAL B 72 -1.27 -16.90 2.15
N GLU B 73 -0.71 -17.28 1.01
CA GLU B 73 -1.16 -16.71 -0.26
C GLU B 73 -1.29 -17.76 -1.35
N THR B 74 -2.18 -17.51 -2.30
CA THR B 74 -2.36 -18.40 -3.44
C THR B 74 -1.74 -17.78 -4.68
N LEU B 75 -0.96 -18.57 -5.40
CA LEU B 75 -0.21 -18.06 -6.55
C LEU B 75 -0.72 -18.65 -7.86
N ALA B 76 -1.03 -17.76 -8.80
CA ALA B 76 -1.49 -18.16 -10.13
C ALA B 76 -0.33 -18.74 -10.93
N PRO B 77 -0.63 -19.55 -11.96
CA PRO B 77 0.44 -20.10 -12.78
C PRO B 77 1.18 -19.05 -13.61
N GLY B 78 2.40 -19.37 -14.01
CA GLY B 78 3.22 -18.49 -14.83
C GLY B 78 4.11 -17.57 -14.03
N LYS B 79 4.00 -17.62 -12.70
CA LYS B 79 4.88 -16.83 -11.85
C LYS B 79 6.26 -17.46 -11.78
N ASN B 80 7.29 -16.69 -12.08
CA ASN B 80 8.65 -17.18 -12.06
C ASN B 80 9.34 -16.99 -10.72
N LEU B 81 9.63 -18.09 -10.03
CA LEU B 81 10.32 -18.02 -8.75
C LEU B 81 11.59 -18.87 -8.81
N TRP B 82 12.56 -18.57 -7.95
CA TRP B 82 13.84 -19.28 -8.01
C TRP B 82 14.28 -19.78 -6.64
N GLN B 83 15.19 -20.75 -6.63
CA GLN B 83 15.65 -21.32 -5.36
C GLN B 83 17.08 -21.85 -5.42
N TYR B 84 17.81 -21.66 -4.32
CA TYR B 84 19.16 -22.18 -4.20
C TYR B 84 19.12 -23.66 -3.81
N GLN B 85 19.81 -24.51 -4.56
CA GLN B 85 19.86 -25.94 -4.24
C GLN B 85 21.27 -26.48 -4.46
N SER B 86 21.70 -27.37 -3.58
CA SER B 86 23.00 -28.02 -3.72
C SER B 86 23.11 -28.82 -5.02
N PRO B 87 24.32 -28.87 -5.59
CA PRO B 87 24.58 -29.60 -6.84
C PRO B 87 24.20 -31.08 -6.75
N GLY B 88 23.25 -31.50 -7.59
CA GLY B 88 22.83 -32.89 -7.62
C GLY B 88 21.88 -33.24 -6.50
N ALA B 89 21.32 -32.22 -5.86
CA ALA B 89 20.35 -32.42 -4.78
C ALA B 89 18.93 -32.30 -5.33
N PRO B 90 17.99 -33.06 -4.74
CA PRO B 90 16.59 -32.99 -5.18
C PRO B 90 15.95 -31.64 -4.87
N GLN B 91 14.88 -31.31 -5.60
CA GLN B 91 14.22 -30.02 -5.46
C GLN B 91 13.70 -29.81 -4.05
N GLY B 92 14.03 -28.65 -3.47
CA GLY B 92 13.57 -28.30 -2.14
C GLY B 92 12.15 -27.78 -2.11
N ASN B 93 11.66 -27.49 -0.91
CA ASN B 93 10.30 -26.97 -0.73
C ASN B 93 10.28 -25.45 -0.60
N TRP B 94 11.45 -24.86 -0.36
CA TRP B 94 11.55 -23.42 -0.18
C TRP B 94 11.90 -22.70 -1.49
N TYR B 95 11.36 -21.49 -1.67
CA TYR B 95 11.61 -20.73 -2.88
C TYR B 95 11.84 -19.25 -2.57
N THR B 96 12.46 -18.54 -3.50
CA THR B 96 12.72 -17.11 -3.34
C THR B 96 12.14 -16.29 -4.49
N LEU B 97 11.63 -15.11 -4.17
CA LEU B 97 11.02 -14.23 -5.17
C LEU B 97 12.03 -13.60 -6.12
N SER B 98 13.13 -13.10 -5.56
CA SER B 98 14.11 -12.35 -6.34
C SER B 98 15.47 -13.06 -6.36
N PRO B 99 16.12 -13.08 -7.54
CA PRO B 99 17.42 -13.72 -7.74
C PRO B 99 18.57 -13.01 -7.01
N ARG B 100 18.39 -11.73 -6.72
CA ARG B 100 19.45 -10.92 -6.12
C ARG B 100 19.57 -11.12 -4.61
N VAL B 101 18.78 -12.03 -4.07
CA VAL B 101 18.84 -12.32 -2.64
C VAL B 101 20.02 -13.24 -2.32
N GLN B 102 20.80 -12.86 -1.31
CA GLN B 102 21.91 -13.68 -0.86
C GLN B 102 21.40 -14.93 -0.14
N PRO B 103 22.14 -16.03 -0.22
CA PRO B 103 21.74 -17.29 0.40
C PRO B 103 21.57 -17.19 1.92
N THR B 104 22.46 -16.46 2.58
CA THR B 104 22.40 -16.28 4.03
C THR B 104 21.12 -15.56 4.44
N GLU B 105 20.66 -14.67 3.57
CA GLU B 105 19.43 -13.90 3.80
C GLU B 105 18.20 -14.78 3.82
N LEU B 106 18.28 -15.93 3.16
CA LEU B 106 17.16 -16.87 3.08
C LEU B 106 17.17 -17.87 4.23
N GLY B 107 18.12 -17.71 5.15
CA GLY B 107 18.24 -18.61 6.28
C GLY B 107 18.85 -19.95 5.90
N ILE B 108 19.69 -19.93 4.86
CA ILE B 108 20.33 -21.14 4.39
C ILE B 108 21.82 -20.92 4.12
N ASN B 109 22.60 -22.00 4.13
CA ASN B 109 24.02 -21.96 3.84
C ASN B 109 24.25 -21.62 2.37
N PRO B 110 25.24 -20.76 2.08
CA PRO B 110 25.59 -20.47 0.68
C PRO B 110 25.94 -21.72 -0.11
N MET B 111 26.62 -22.68 0.51
CA MET B 111 26.96 -23.93 -0.17
C MET B 111 26.31 -25.14 0.49
N GLY B 112 26.20 -26.23 -0.25
CA GLY B 112 25.58 -27.44 0.25
C GLY B 112 26.34 -28.69 -0.12
N THR B 113 25.89 -29.82 0.43
CA THR B 113 26.53 -31.10 0.18
C THR B 113 26.05 -31.68 -1.15
N ASN B 114 26.97 -32.36 -1.83
CA ASN B 114 26.71 -32.92 -3.14
C ASN B 114 26.91 -34.42 -3.09
N ARG B 115 25.79 -35.14 -3.13
CA ARG B 115 25.77 -36.59 -2.99
C ARG B 115 26.43 -37.26 -4.20
N ALA B 116 26.55 -38.58 -4.14
CA ALA B 116 27.31 -39.36 -5.11
C ALA B 116 28.77 -38.93 -5.12
N ALA B 117 29.01 -37.64 -5.33
CA ALA B 117 30.33 -37.06 -5.16
C ALA B 117 30.73 -37.04 -3.68
N ASN B 118 29.75 -36.79 -2.82
CA ASN B 118 29.96 -36.68 -1.37
C ASN B 118 30.78 -35.44 -1.05
N THR B 119 30.86 -34.52 -2.00
CA THR B 119 31.69 -33.32 -1.83
C THR B 119 30.92 -32.05 -1.52
N ILE B 120 31.57 -31.10 -0.86
CA ILE B 120 30.92 -29.85 -0.52
C ILE B 120 31.08 -28.88 -1.67
N GLU B 121 29.97 -28.27 -2.10
CA GLU B 121 29.98 -27.45 -3.31
C GLU B 121 29.00 -26.29 -3.18
N PRO B 122 29.28 -25.18 -3.88
CA PRO B 122 28.38 -24.02 -3.76
C PRO B 122 26.98 -24.32 -4.28
N LYS B 123 25.96 -23.87 -3.55
CA LYS B 123 24.59 -24.09 -3.98
C LYS B 123 24.31 -23.28 -5.23
N VAL B 124 23.64 -23.91 -6.20
CA VAL B 124 23.34 -23.26 -7.47
C VAL B 124 21.92 -22.74 -7.46
N LEU B 125 21.74 -21.52 -7.97
CA LEU B 125 20.41 -20.95 -8.13
C LEU B 125 19.73 -21.57 -9.34
N ASN B 126 18.53 -22.10 -9.11
CA ASN B 126 17.74 -22.67 -10.17
C ASN B 126 16.46 -21.88 -10.39
N SER B 127 16.07 -21.74 -11.65
CA SER B 127 14.89 -20.95 -12.00
C SER B 127 13.70 -21.86 -12.29
N TYR B 128 12.60 -21.58 -11.61
CA TYR B 128 11.37 -22.34 -11.76
C TYR B 128 10.22 -21.44 -12.21
N ARG B 129 9.26 -22.04 -12.90
CA ARG B 129 8.04 -21.36 -13.28
C ARG B 129 6.85 -22.16 -12.78
N THR B 130 5.75 -21.47 -12.48
CA THR B 130 4.56 -22.14 -11.99
C THR B 130 3.77 -22.74 -13.15
N THR B 131 3.54 -24.04 -13.09
CA THR B 131 2.82 -24.73 -14.15
C THR B 131 1.35 -24.85 -13.79
N GLN B 132 1.05 -24.63 -12.52
CA GLN B 132 -0.31 -24.69 -12.02
C GLN B 132 -0.53 -23.59 -10.98
N LYS B 133 -1.78 -23.46 -10.52
CA LYS B 133 -2.07 -22.57 -9.40
C LYS B 133 -1.73 -23.28 -8.11
N VAL B 134 -0.85 -22.70 -7.30
CA VAL B 134 -0.36 -23.38 -6.11
C VAL B 134 -0.46 -22.53 -4.86
N GLU B 135 -0.74 -23.18 -3.73
CA GLU B 135 -0.79 -22.49 -2.44
C GLU B 135 0.58 -22.41 -1.79
N VAL B 136 0.98 -21.20 -1.41
CA VAL B 136 2.31 -20.94 -0.89
C VAL B 136 2.24 -20.13 0.41
N LEU B 137 3.19 -20.38 1.30
CA LEU B 137 3.23 -19.69 2.59
C LEU B 137 4.34 -18.65 2.57
N ARG B 138 3.93 -17.39 2.38
CA ARG B 138 4.84 -16.25 2.41
C ARG B 138 5.33 -15.98 3.82
N SER B 139 6.63 -15.72 3.96
CA SER B 139 7.23 -15.46 5.25
C SER B 139 8.65 -14.92 5.11
N THR B 140 9.07 -14.12 6.08
CA THR B 140 10.44 -13.64 6.14
C THR B 140 11.30 -14.64 6.91
N ALA B 141 12.51 -14.90 6.41
CA ALA B 141 13.39 -15.90 7.01
C ALA B 141 13.85 -15.48 8.40
N ALA B 142 13.90 -16.44 9.31
CA ALA B 142 14.47 -16.22 10.64
C ALA B 142 15.98 -16.39 10.59
N PRO B 143 16.69 -15.74 11.54
CA PRO B 143 18.14 -15.97 11.61
C PRO B 143 18.44 -17.29 12.31
N THR B 144 18.58 -18.35 11.52
CA THR B 144 18.76 -19.69 12.07
C THR B 144 20.14 -20.27 11.78
N ASP B 145 20.52 -21.27 12.56
CA ASP B 145 21.75 -22.01 12.33
C ASP B 145 21.49 -23.14 11.34
N ASP B 146 22.32 -23.23 10.31
CA ASP B 146 22.10 -24.17 9.22
C ASP B 146 23.04 -25.37 9.32
N PHE B 147 22.69 -26.32 10.19
CA PHE B 147 23.50 -27.52 10.34
C PHE B 147 23.30 -28.49 9.18
N TRP B 148 22.12 -28.46 8.57
CA TRP B 148 21.88 -29.28 7.39
C TRP B 148 22.64 -28.73 6.19
N SER B 149 22.88 -29.62 5.21
CA SER B 149 23.56 -29.33 3.94
C SER B 149 25.06 -29.12 4.15
N VAL B 150 25.50 -29.19 5.40
CA VAL B 150 26.93 -29.28 5.71
C VAL B 150 27.11 -30.22 6.89
N LYS B 151 27.81 -31.33 6.64
CA LYS B 151 27.98 -32.39 7.63
C LYS B 151 28.77 -31.95 8.86
N GLY B 152 29.78 -31.10 8.65
CA GLY B 152 30.61 -30.65 9.74
C GLY B 152 30.34 -29.21 10.10
N GLN B 153 30.14 -28.36 9.09
CA GLN B 153 29.94 -26.95 9.36
C GLN B 153 28.49 -26.67 9.77
N SER B 154 28.32 -25.88 10.82
CA SER B 154 27.02 -25.35 11.18
C SER B 154 27.03 -23.86 10.83
N TYR B 155 26.08 -23.42 10.02
CA TYR B 155 26.19 -22.09 9.45
C TYR B 155 25.08 -21.15 9.93
N PRO B 156 25.46 -20.08 10.65
CA PRO B 156 24.52 -19.03 11.05
C PRO B 156 24.08 -18.19 9.86
N ALA B 157 22.83 -17.79 9.83
CA ALA B 157 22.29 -17.05 8.69
C ALA B 157 21.62 -15.76 9.11
N LYS B 158 21.80 -14.71 8.31
CA LYS B 158 21.27 -13.39 8.62
C LYS B 158 19.74 -13.39 8.66
N GLY B 159 19.12 -14.05 7.70
CA GLY B 159 17.68 -14.18 7.64
C GLY B 159 16.91 -12.86 7.58
N GLY B 160 17.21 -12.06 6.56
CA GLY B 160 16.50 -10.81 6.35
C GLY B 160 15.44 -10.87 5.25
N ALA B 161 15.46 -11.94 4.46
CA ALA B 161 14.67 -11.99 3.23
C ALA B 161 13.41 -12.84 3.34
N GLN B 162 12.48 -12.59 2.43
CA GLN B 162 11.20 -13.30 2.33
C GLN B 162 11.35 -14.71 1.75
N GLN B 163 10.44 -15.60 2.13
CA GLN B 163 10.47 -16.99 1.67
C GLN B 163 9.10 -17.46 1.20
N LEU B 164 9.09 -18.56 0.45
CA LEU B 164 7.86 -19.19 0.00
C LEU B 164 7.95 -20.69 0.28
N PHE B 165 6.86 -21.28 0.74
CA PHE B 165 6.87 -22.71 1.10
C PHE B 165 5.69 -23.45 0.49
N SER B 166 5.98 -24.54 -0.20
CA SER B 166 4.95 -25.40 -0.77
C SER B 166 5.47 -26.82 -0.98
N ASN B 167 4.80 -27.80 -0.39
CA ASN B 167 5.21 -29.19 -0.50
C ASN B 167 4.78 -29.80 -1.83
N GLU B 168 4.01 -29.04 -2.62
CA GLU B 168 3.59 -29.47 -3.94
C GLU B 168 4.71 -29.29 -4.95
N LYS B 169 5.76 -30.11 -4.84
CA LYS B 169 6.92 -30.00 -5.72
C LYS B 169 6.55 -30.17 -7.19
N GLY B 170 5.62 -31.09 -7.46
CA GLY B 170 5.19 -31.35 -8.82
C GLY B 170 4.57 -30.13 -9.47
N SER B 171 3.85 -29.35 -8.68
CA SER B 171 3.19 -28.14 -9.17
C SER B 171 4.21 -27.05 -9.52
N PHE B 172 5.31 -27.03 -8.77
CA PHE B 172 6.35 -26.01 -8.97
C PHE B 172 7.47 -26.52 -9.86
N GLY B 173 7.90 -27.75 -9.61
CA GLY B 173 9.01 -28.33 -10.36
C GLY B 173 8.55 -29.38 -11.36
N GLN C 15 38.53 -13.12 -3.51
CA GLN C 15 37.54 -12.57 -2.59
C GLN C 15 38.08 -11.36 -1.84
N ARG C 16 38.82 -10.52 -2.54
CA ARG C 16 39.33 -9.27 -2.00
C ARG C 16 38.19 -8.32 -1.65
N ARG C 17 37.11 -8.41 -2.43
CA ARG C 17 35.94 -7.56 -2.23
C ARG C 17 35.35 -7.68 -0.84
N ALA C 18 35.37 -8.87 -0.24
CA ALA C 18 34.88 -9.02 1.13
C ALA C 18 35.74 -8.20 2.09
N TYR C 19 37.05 -8.25 1.87
CA TYR C 19 38.01 -7.49 2.65
C TYR C 19 37.72 -6.00 2.53
N LEU C 20 37.50 -5.54 1.30
CA LEU C 20 37.25 -4.12 1.05
C LEU C 20 35.92 -3.69 1.69
N ASN C 21 34.90 -4.55 1.56
CA ASN C 21 33.58 -4.27 2.11
C ASN C 21 33.63 -4.13 3.62
N ASN C 22 34.26 -5.07 4.29
CA ASN C 22 34.33 -5.03 5.74
C ASN C 22 35.21 -3.87 6.21
N LYS C 23 36.27 -3.61 5.45
CA LYS C 23 37.22 -2.55 5.78
C LYS C 23 36.62 -1.14 5.69
N PHE C 24 35.87 -0.86 4.61
CA PHE C 24 35.41 0.50 4.34
C PHE C 24 34.01 0.82 4.83
N GLY C 25 33.40 -0.08 5.59
CA GLY C 25 32.08 0.16 6.15
C GLY C 25 31.00 -0.83 5.78
N ARG C 26 29.82 -0.33 5.43
CA ARG C 26 28.66 -1.20 5.22
C ARG C 26 28.91 -2.26 4.16
N SER C 27 28.42 -3.47 4.42
CA SER C 27 28.67 -4.60 3.54
C SER C 27 27.39 -5.38 3.26
N GLY C 28 27.55 -6.60 2.77
CA GLY C 28 26.41 -7.47 2.52
C GLY C 28 25.68 -7.07 1.27
N ASN C 29 24.36 -6.89 1.39
CA ASN C 29 23.56 -6.46 0.25
C ASN C 29 23.94 -5.07 -0.23
N LEU C 30 24.11 -4.91 -1.54
CA LEU C 30 24.47 -3.62 -2.10
C LEU C 30 23.28 -2.66 -2.00
N ASP C 31 22.12 -3.17 -2.39
CA ASP C 31 20.87 -2.41 -2.36
C ASP C 31 20.60 -1.84 -0.98
N HIS C 32 20.90 -2.61 0.06
CA HIS C 32 20.63 -2.21 1.43
C HIS C 32 21.42 -0.96 1.84
N ASP C 33 22.74 -0.99 1.68
CA ASP C 33 23.56 0.16 2.06
C ASP C 33 23.33 1.33 1.10
N ILE C 34 22.98 1.04 -0.14
CA ILE C 34 22.66 2.10 -1.09
C ILE C 34 21.42 2.86 -0.62
N ASN C 35 20.38 2.11 -0.26
CA ASN C 35 19.16 2.69 0.29
C ASN C 35 19.44 3.42 1.61
N TYR C 36 20.33 2.86 2.41
CA TYR C 36 20.78 3.48 3.66
C TYR C 36 21.34 4.89 3.41
N ARG C 37 22.37 4.96 2.58
CA ARG C 37 23.02 6.23 2.23
C ARG C 37 22.05 7.22 1.60
N GLY C 38 21.23 6.72 0.67
CA GLY C 38 20.23 7.54 0.01
C GLY C 38 19.28 8.16 1.02
N ASN C 39 18.88 7.34 1.99
CA ASN C 39 17.99 7.78 3.06
C ASN C 39 18.65 8.85 3.91
N ARG C 40 19.93 8.65 4.25
CA ARG C 40 20.69 9.66 4.98
C ARG C 40 20.70 10.97 4.22
N GLU C 41 20.91 10.90 2.90
CA GLU C 41 20.90 12.10 2.06
C GLU C 41 19.53 12.78 2.09
N THR C 42 18.46 11.98 2.08
CA THR C 42 17.11 12.54 2.13
C THR C 42 16.88 13.28 3.45
N ALA C 43 17.37 12.68 4.54
CA ALA C 43 17.24 13.30 5.86
C ALA C 43 18.00 14.61 5.94
N ALA C 44 19.26 14.59 5.46
CA ALA C 44 20.09 15.79 5.44
C ALA C 44 19.45 16.88 4.59
N LYS C 45 18.90 16.46 3.45
CA LYS C 45 18.22 17.36 2.53
C LYS C 45 17.01 18.00 3.20
N PHE C 46 16.28 17.22 3.99
CA PHE C 46 15.13 17.75 4.72
C PHE C 46 15.54 18.75 5.80
N PHE C 47 16.52 18.38 6.61
CA PHE C 47 16.95 19.24 7.70
C PHE C 47 17.54 20.54 7.15
N LYS C 48 18.24 20.43 6.03
CA LYS C 48 18.75 21.60 5.32
C LYS C 48 17.62 22.46 4.74
N SER C 49 16.62 21.81 4.16
CA SER C 49 15.54 22.51 3.46
C SER C 49 14.71 23.37 4.41
N LYS C 50 14.46 22.84 5.61
CA LYS C 50 13.76 23.60 6.64
C LYS C 50 14.79 23.94 7.71
N ASP C 51 15.12 25.23 7.81
CA ASP C 51 16.20 25.72 8.66
C ASP C 51 16.33 25.09 10.04
N ILE C 52 17.46 24.46 10.27
CA ILE C 52 17.77 23.78 11.53
C ILE C 52 19.18 24.17 11.91
N ASP C 53 19.42 24.42 13.19
CA ASP C 53 20.77 24.72 13.65
C ASP C 53 21.72 23.60 13.22
N PRO C 54 22.88 23.98 12.66
CA PRO C 54 23.79 23.04 12.02
C PRO C 54 24.34 21.95 12.95
N ALA C 55 24.59 22.30 14.21
CA ALA C 55 25.11 21.33 15.16
C ALA C 55 24.09 20.24 15.49
N ASP C 56 22.82 20.63 15.63
CA ASP C 56 21.77 19.70 16.05
C ASP C 56 21.55 18.55 15.08
N ALA C 57 21.58 18.86 13.78
CA ALA C 57 21.29 17.88 12.73
C ALA C 57 21.97 16.53 12.90
N GLU C 58 23.24 16.53 13.31
CA GLU C 58 23.98 15.29 13.54
C GLU C 58 23.38 14.50 14.71
N SER C 59 23.14 15.19 15.82
CA SER C 59 22.59 14.58 17.02
C SER C 59 21.21 14.00 16.75
N TYR C 60 20.40 14.74 16.00
CA TYR C 60 19.08 14.28 15.56
C TYR C 60 19.23 13.04 14.70
N MET C 61 20.20 13.07 13.81
CA MET C 61 20.46 11.96 12.89
C MET C 61 20.84 10.69 13.62
N ASN C 62 21.56 10.84 14.73
CA ASN C 62 21.93 9.69 15.55
C ASN C 62 20.69 8.95 16.05
N GLY C 63 19.61 9.70 16.25
CA GLY C 63 18.34 9.13 16.71
C GLY C 63 17.54 8.42 15.64
N LEU C 64 17.92 8.61 14.38
CA LEU C 64 17.21 8.01 13.26
C LEU C 64 17.85 6.71 12.79
N ASP C 65 17.01 5.70 12.53
CA ASP C 65 17.47 4.44 11.95
C ASP C 65 17.29 4.46 10.45
N PHE C 66 18.39 4.35 9.71
CA PHE C 66 18.35 4.51 8.26
C PHE C 66 18.28 3.17 7.52
N ASN C 67 18.41 2.07 8.26
CA ASN C 67 18.22 0.74 7.69
C ASN C 67 16.79 0.59 7.20
N HIS C 68 15.84 1.01 8.01
CA HIS C 68 14.45 1.13 7.58
C HIS C 68 14.26 2.46 6.86
N PRO C 69 13.39 2.49 5.85
CA PRO C 69 13.26 3.69 5.01
C PRO C 69 12.67 4.89 5.73
N VAL C 70 13.33 6.02 5.63
CA VAL C 70 12.81 7.28 6.15
C VAL C 70 12.45 8.18 4.99
N ARG C 71 11.16 8.49 4.85
CA ARG C 71 10.68 9.18 3.66
C ARG C 71 9.98 10.50 3.96
N VAL C 72 10.09 11.44 3.04
CA VAL C 72 9.42 12.73 3.15
C VAL C 72 7.99 12.63 2.63
N GLU C 73 7.04 13.12 3.43
CA GLU C 73 5.64 13.07 3.06
C GLU C 73 4.95 14.38 3.43
N THR C 74 3.88 14.72 2.72
CA THR C 74 3.14 15.95 3.01
C THR C 74 1.83 15.61 3.72
N LEU C 75 1.56 16.33 4.81
CA LEU C 75 0.41 16.05 5.64
C LEU C 75 -0.64 17.15 5.61
N ALA C 76 -1.87 16.76 5.30
CA ALA C 76 -3.02 17.67 5.30
C ALA C 76 -3.43 18.01 6.73
N PRO C 77 -4.17 19.12 6.91
CA PRO C 77 -4.65 19.48 8.25
C PRO C 77 -5.67 18.47 8.78
N GLY C 78 -5.84 18.43 10.10
CA GLY C 78 -6.79 17.50 10.69
C GLY C 78 -6.18 16.18 11.09
N LYS C 79 -4.89 16.03 10.84
CA LYS C 79 -4.16 14.82 11.19
C LYS C 79 -3.93 14.71 12.69
N ASN C 80 -4.31 13.56 13.25
CA ASN C 80 -4.16 13.33 14.69
C ASN C 80 -2.81 12.72 15.04
N LEU C 81 -1.99 13.48 15.76
CA LEU C 81 -0.67 13.03 16.18
C LEU C 81 -0.52 13.13 17.69
N TRP C 82 0.45 12.42 18.25
CA TRP C 82 0.66 12.43 19.69
C TRP C 82 2.14 12.70 19.98
N GLN C 83 2.43 13.14 21.20
CA GLN C 83 3.81 13.46 21.55
C GLN C 83 4.09 13.28 23.05
N TYR C 84 5.24 12.71 23.38
CA TYR C 84 5.65 12.61 24.77
C TYR C 84 6.38 13.87 25.20
N GLN C 85 5.95 14.46 26.31
CA GLN C 85 6.60 15.66 26.81
C GLN C 85 6.74 15.65 28.32
N SER C 86 7.87 16.16 28.81
CA SER C 86 8.10 16.30 30.24
C SER C 86 7.03 17.23 30.81
N PRO C 87 6.63 17.00 32.08
CA PRO C 87 5.59 17.83 32.71
C PRO C 87 5.93 19.31 32.70
N GLY C 88 5.08 20.10 32.04
CA GLY C 88 5.27 21.55 31.98
C GLY C 88 6.30 22.02 30.98
N ALA C 89 6.68 21.14 30.04
CA ALA C 89 7.64 21.50 29.01
C ALA C 89 6.93 21.90 27.71
N PRO C 90 7.51 22.84 26.97
CA PRO C 90 6.91 23.26 25.69
C PRO C 90 6.97 22.15 24.66
N GLN C 91 6.10 22.22 23.65
CA GLN C 91 6.02 21.16 22.65
C GLN C 91 7.34 20.96 21.89
N GLY C 92 7.76 19.70 21.81
CA GLY C 92 8.95 19.33 21.08
C GLY C 92 8.65 19.30 19.59
N ASN C 93 9.67 18.97 18.80
CA ASN C 93 9.50 18.91 17.35
C ASN C 93 9.16 17.49 16.86
N TRP C 94 9.36 16.50 17.72
CA TRP C 94 9.08 15.11 17.35
C TRP C 94 7.67 14.70 17.76
N TYR C 95 7.04 13.87 16.92
CA TYR C 95 5.68 13.40 17.18
C TYR C 95 5.53 11.92 16.82
N THR C 96 4.50 11.27 17.36
CA THR C 96 4.23 9.87 17.08
C THR C 96 2.82 9.67 16.51
N LEU C 97 2.70 8.70 15.60
CA LEU C 97 1.43 8.44 14.93
C LEU C 97 0.37 7.84 15.84
N SER C 98 0.77 6.89 16.68
CA SER C 98 -0.20 6.19 17.54
C SER C 98 0.11 6.41 19.01
N PRO C 99 -0.94 6.68 19.82
CA PRO C 99 -0.79 6.92 21.25
C PRO C 99 -0.37 5.68 22.02
N ARG C 100 -0.69 4.51 21.47
CA ARG C 100 -0.44 3.24 22.13
C ARG C 100 0.98 2.73 21.94
N VAL C 101 1.97 3.61 22.07
CA VAL C 101 3.36 3.20 21.92
C VAL C 101 4.21 3.70 23.09
N GLN C 102 5.09 2.82 23.56
CA GLN C 102 5.98 3.15 24.67
C GLN C 102 7.09 4.09 24.22
N PRO C 103 7.58 4.95 25.13
CA PRO C 103 8.63 5.92 24.83
C PRO C 103 9.91 5.25 24.34
N THR C 104 10.21 4.08 24.90
CA THR C 104 11.41 3.33 24.55
C THR C 104 11.40 2.96 23.07
N GLU C 105 10.23 2.67 22.53
CA GLU C 105 10.10 2.38 21.10
C GLU C 105 10.37 3.62 20.25
N LEU C 106 10.16 4.79 20.83
CA LEU C 106 10.38 6.05 20.11
C LEU C 106 11.81 6.53 20.29
N GLY C 107 12.63 5.73 20.98
CA GLY C 107 14.02 6.06 21.21
C GLY C 107 14.24 7.14 22.25
N ILE C 108 13.33 7.24 23.21
CA ILE C 108 13.42 8.26 24.26
C ILE C 108 13.15 7.68 25.65
N ASN C 109 13.63 8.38 26.68
CA ASN C 109 13.40 7.98 28.06
C ASN C 109 11.93 8.12 28.46
N PRO C 110 11.41 7.12 29.18
CA PRO C 110 10.05 7.10 29.76
C PRO C 110 9.80 8.28 30.69
N MET C 111 10.84 8.75 31.36
CA MET C 111 10.71 9.84 32.32
C MET C 111 11.39 11.11 31.83
N GLY C 112 11.03 12.23 32.45
CA GLY C 112 11.54 13.52 32.06
C GLY C 112 11.99 14.31 33.27
N THR C 113 12.60 15.46 33.03
CA THR C 113 13.17 16.26 34.12
C THR C 113 12.14 17.11 34.84
N ASN C 114 11.31 17.81 34.07
CA ASN C 114 10.33 18.77 34.59
C ASN C 114 11.01 19.71 35.60
N ARG C 115 11.48 20.86 35.09
CA ARG C 115 12.26 21.79 35.91
C ARG C 115 11.44 22.56 36.93
N ALA C 116 10.18 22.85 36.59
CA ALA C 116 9.33 23.69 37.44
C ALA C 116 9.20 23.11 38.84
N ALA C 117 8.78 21.85 38.92
CA ALA C 117 8.77 21.09 40.16
C ALA C 117 10.18 20.80 40.64
N ASN C 118 11.09 20.63 39.69
CA ASN C 118 12.49 20.25 39.93
C ASN C 118 12.58 18.79 40.39
N THR C 119 11.48 18.06 40.25
CA THR C 119 11.46 16.64 40.56
C THR C 119 11.46 15.90 39.24
N ILE C 120 12.06 14.71 39.20
CA ILE C 120 12.09 13.96 37.96
C ILE C 120 10.86 13.06 37.91
N GLU C 121 10.16 13.12 36.77
CA GLU C 121 8.84 12.53 36.65
C GLU C 121 8.60 11.95 35.26
N PRO C 122 7.72 10.94 35.16
CA PRO C 122 7.44 10.29 33.88
C PRO C 122 6.86 11.24 32.84
N LYS C 123 7.29 11.12 31.59
CA LYS C 123 6.80 11.97 30.51
C LYS C 123 5.32 11.71 30.26
N VAL C 124 4.57 12.79 30.06
CA VAL C 124 3.13 12.70 29.82
C VAL C 124 2.85 12.79 28.33
N LEU C 125 1.97 11.91 27.85
CA LEU C 125 1.53 11.94 26.45
C LEU C 125 0.50 13.04 26.22
N ASN C 126 0.77 13.89 25.25
CA ASN C 126 -0.15 14.95 24.86
C ASN C 126 -0.65 14.75 23.43
N SER C 127 -1.92 15.08 23.19
CA SER C 127 -2.52 14.88 21.88
C SER C 127 -2.58 16.19 21.09
N TYR C 128 -2.04 16.14 19.87
CA TYR C 128 -1.99 17.28 18.98
C TYR C 128 -2.74 17.00 17.67
N ARG C 129 -3.23 18.06 17.04
CA ARG C 129 -3.84 17.95 15.72
C ARG C 129 -3.19 18.92 14.74
N THR C 130 -3.18 18.55 13.47
CA THR C 130 -2.58 19.38 12.42
C THR C 130 -3.55 20.45 11.95
N THR C 131 -3.13 21.71 12.04
CA THR C 131 -3.98 22.83 11.64
C THR C 131 -3.68 23.32 10.23
N GLN C 132 -2.54 22.91 9.68
CA GLN C 132 -2.14 23.32 8.34
C GLN C 132 -1.46 22.17 7.58
N LYS C 133 -1.13 22.43 6.33
CA LYS C 133 -0.36 21.49 5.53
C LYS C 133 1.11 21.55 5.91
N VAL C 134 1.68 20.43 6.31
CA VAL C 134 3.03 20.41 6.86
C VAL C 134 3.91 19.36 6.19
N GLU C 135 5.19 19.67 6.05
CA GLU C 135 6.15 18.69 5.53
C GLU C 135 6.63 17.85 6.69
N VAL C 136 6.54 16.53 6.53
CA VAL C 136 6.79 15.61 7.63
C VAL C 136 7.78 14.53 7.22
N LEU C 137 8.62 14.11 8.17
CA LEU C 137 9.63 13.11 7.92
C LEU C 137 9.29 11.77 8.60
N ARG C 138 8.78 10.82 7.83
CA ARG C 138 8.54 9.48 8.37
C ARG C 138 9.88 8.80 8.58
N SER C 139 10.03 8.13 9.72
CA SER C 139 11.28 7.47 10.04
C SER C 139 11.15 6.55 11.24
N THR C 140 11.94 5.47 11.25
CA THR C 140 12.03 4.61 12.41
C THR C 140 13.12 5.11 13.34
N ALA C 141 12.83 5.15 14.63
CA ALA C 141 13.77 5.66 15.62
C ALA C 141 14.98 4.72 15.74
N ALA C 142 16.16 5.28 15.91
CA ALA C 142 17.33 4.46 16.18
C ALA C 142 17.39 4.14 17.67
N PRO C 143 18.04 3.02 18.03
CA PRO C 143 18.20 2.69 19.45
C PRO C 143 19.33 3.49 20.10
N THR C 144 18.99 4.63 20.69
CA THR C 144 19.99 5.53 21.26
C THR C 144 19.90 5.64 22.78
N ASP C 145 20.99 6.09 23.39
CA ASP C 145 21.00 6.36 24.82
C ASP C 145 20.52 7.79 25.09
N ASP C 146 19.58 7.93 26.02
CA ASP C 146 18.94 9.21 26.28
C ASP C 146 19.46 9.85 27.56
N PHE C 147 20.63 10.48 27.46
CA PHE C 147 21.24 11.16 28.61
C PHE C 147 20.54 12.48 28.91
N TRP C 148 20.01 13.11 27.87
CA TRP C 148 19.19 14.31 28.01
C TRP C 148 17.83 13.95 28.60
N SER C 149 17.16 14.93 29.20
CA SER C 149 15.83 14.75 29.80
C SER C 149 15.91 13.93 31.09
N VAL C 150 17.15 13.63 31.50
CA VAL C 150 17.42 12.96 32.77
C VAL C 150 18.60 13.62 33.47
N LYS C 151 18.41 13.98 34.74
CA LYS C 151 19.41 14.75 35.46
C LYS C 151 20.77 14.06 35.55
N GLY C 152 20.76 12.77 35.88
CA GLY C 152 21.98 11.99 35.99
C GLY C 152 22.11 10.80 35.05
N GLN C 153 21.01 10.08 34.88
CA GLN C 153 21.00 8.79 34.19
C GLN C 153 20.99 8.86 32.66
N SER C 154 21.73 7.94 32.05
CA SER C 154 21.67 7.73 30.61
C SER C 154 20.86 6.47 30.32
N TYR C 155 19.84 6.59 29.48
CA TYR C 155 18.86 5.54 29.27
C TYR C 155 18.91 4.96 27.87
N PRO C 156 19.24 3.66 27.76
CA PRO C 156 19.21 2.98 26.47
C PRO C 156 17.77 2.76 26.02
N ALA C 157 17.51 2.92 24.73
CA ALA C 157 16.16 2.82 24.21
C ALA C 157 16.07 1.85 23.05
N LYS C 158 15.00 1.06 23.01
CA LYS C 158 14.83 0.06 21.96
C LYS C 158 14.69 0.72 20.60
N GLY C 159 13.89 1.79 20.53
CA GLY C 159 13.71 2.53 19.29
C GLY C 159 13.19 1.69 18.15
N GLY C 160 12.02 1.08 18.34
CA GLY C 160 11.41 0.29 17.28
C GLY C 160 10.28 0.93 16.48
N ALA C 161 9.78 2.07 16.94
CA ALA C 161 8.53 2.61 16.39
C ALA C 161 8.77 3.79 15.45
N GLN C 162 7.77 4.06 14.61
CA GLN C 162 7.85 5.16 13.65
C GLN C 162 7.67 6.51 14.33
N GLN C 163 8.33 7.53 13.82
CA GLN C 163 8.24 8.88 14.37
C GLN C 163 8.12 9.92 13.26
N LEU C 164 7.71 11.12 13.64
CA LEU C 164 7.59 12.22 12.70
C LEU C 164 8.28 13.47 13.23
N PHE C 165 8.96 14.20 12.35
CA PHE C 165 9.70 15.39 12.76
C PHE C 165 9.40 16.62 11.92
N SER C 166 9.06 17.71 12.60
CA SER C 166 8.84 19.00 11.97
C SER C 166 9.00 20.11 12.99
N ASN C 167 9.91 21.05 12.72
CA ASN C 167 10.18 22.15 13.65
C ASN C 167 9.12 23.24 13.58
N GLU C 168 8.17 23.08 12.66
CA GLU C 168 7.07 24.01 12.52
C GLU C 168 6.03 23.77 13.61
N LYS C 169 6.39 24.15 14.84
CA LYS C 169 5.54 23.94 16.01
C LYS C 169 4.18 24.64 15.89
N GLY C 170 4.18 25.81 15.27
CA GLY C 170 2.97 26.60 15.10
C GLY C 170 1.88 25.88 14.31
N SER C 171 2.28 25.06 13.35
CA SER C 171 1.34 24.31 12.54
C SER C 171 0.59 23.25 13.34
N PHE C 172 1.24 22.69 14.34
CA PHE C 172 0.64 21.65 15.16
C PHE C 172 0.04 22.25 16.44
N GLY C 173 -1.25 22.00 16.64
CA GLY C 173 -1.96 22.56 17.78
C GLY C 173 -2.27 21.57 18.88
N LEU C 174 -2.18 22.04 20.12
CA LEU C 174 -2.47 21.20 21.28
C LEU C 174 -3.97 21.00 21.47
N LEU C 175 -4.39 19.73 21.43
CA LEU C 175 -5.80 19.41 21.65
C LEU C 175 -6.10 19.31 23.14
N PRO C 176 -7.23 19.90 23.57
CA PRO C 176 -7.63 19.89 24.98
C PRO C 176 -7.87 18.47 25.51
N ARG C 177 -7.58 18.27 26.79
CA ARG C 177 -7.72 16.97 27.45
C ARG C 177 -6.91 15.89 26.73
N LYS D 10 32.31 16.16 -39.99
CA LYS D 10 32.28 15.78 -38.59
C LYS D 10 30.92 15.21 -38.20
N PRO D 11 30.91 14.01 -37.61
CA PRO D 11 29.64 13.39 -37.23
C PRO D 11 29.11 13.85 -35.88
N HIS D 12 27.79 13.85 -35.73
CA HIS D 12 27.14 14.23 -34.49
C HIS D 12 26.93 13.02 -33.59
N VAL D 13 27.04 13.23 -32.27
CA VAL D 13 26.82 12.16 -31.31
C VAL D 13 26.11 12.69 -30.08
N ASN D 14 25.05 12.01 -29.66
CA ASN D 14 24.26 12.45 -28.51
C ASN D 14 24.64 11.74 -27.20
N VAL D 15 24.99 12.54 -26.20
CA VAL D 15 25.35 12.04 -24.89
C VAL D 15 24.72 12.89 -23.78
N GLY D 16 24.93 12.47 -22.54
CA GLY D 16 24.42 13.21 -21.40
C GLY D 16 25.00 12.72 -20.09
N THR D 17 24.80 13.49 -19.03
CA THR D 17 25.29 13.08 -17.71
C THR D 17 24.16 12.60 -16.81
N ILE D 18 24.30 11.39 -16.29
CA ILE D 18 23.29 10.82 -15.40
C ILE D 18 23.93 10.26 -14.13
N GLY D 19 23.18 10.30 -13.04
CA GLY D 19 23.66 9.86 -11.75
C GLY D 19 22.87 10.51 -10.62
N HIS D 20 23.30 10.29 -9.39
CA HIS D 20 22.62 10.86 -8.23
C HIS D 20 22.84 12.36 -8.17
N VAL D 21 22.03 13.05 -7.36
CA VAL D 21 22.14 14.48 -7.18
C VAL D 21 23.45 14.86 -6.50
N ASP D 22 24.04 15.98 -6.91
CA ASP D 22 25.25 16.55 -6.30
C ASP D 22 26.47 15.64 -6.42
N HIS D 23 26.45 14.76 -7.42
CA HIS D 23 27.60 13.89 -7.68
C HIS D 23 28.55 14.52 -8.69
N GLY D 24 28.12 15.62 -9.30
CA GLY D 24 28.96 16.35 -10.23
C GLY D 24 28.61 16.12 -11.69
N LYS D 25 27.32 16.16 -12.00
CA LYS D 25 26.86 15.99 -13.38
C LYS D 25 27.07 17.27 -14.18
N THR D 26 26.46 18.35 -13.72
CA THR D 26 26.57 19.66 -14.36
C THR D 26 28.02 20.13 -14.35
N THR D 27 28.71 19.84 -13.24
CA THR D 27 30.12 20.17 -13.10
C THR D 27 30.94 19.46 -14.18
N LEU D 28 30.61 18.19 -14.42
CA LEU D 28 31.29 17.41 -15.44
C LEU D 28 30.97 17.94 -16.83
N THR D 29 29.76 18.46 -16.99
CA THR D 29 29.36 19.06 -18.26
C THR D 29 30.19 20.30 -18.56
N ALA D 30 30.23 21.23 -17.61
CA ALA D 30 31.00 22.46 -17.74
C ALA D 30 32.49 22.17 -17.91
N ALA D 31 32.99 21.17 -17.19
CA ALA D 31 34.39 20.78 -17.30
C ALA D 31 34.69 20.22 -18.69
N LEU D 32 33.76 19.41 -19.21
CA LEU D 32 33.93 18.83 -20.53
C LEU D 32 33.96 19.91 -21.60
N THR D 33 33.00 20.83 -21.53
CA THR D 33 32.93 21.91 -22.52
C THR D 33 34.15 22.81 -22.45
N LYS D 34 34.60 23.09 -21.22
CA LYS D 34 35.77 23.94 -21.01
C LYS D 34 37.04 23.31 -21.60
N VAL D 35 37.28 22.06 -21.22
CA VAL D 35 38.48 21.36 -21.65
C VAL D 35 38.49 21.11 -23.16
N CYS D 36 37.33 20.72 -23.70
CA CYS D 36 37.21 20.53 -25.14
C CYS D 36 37.42 21.84 -25.90
N SER D 37 36.94 22.93 -25.32
CA SER D 37 37.13 24.25 -25.93
C SER D 37 38.61 24.66 -25.90
N ASP D 38 39.28 24.34 -24.81
CA ASP D 38 40.69 24.71 -24.63
C ASP D 38 41.65 23.85 -25.44
N THR D 39 41.27 22.61 -25.71
CA THR D 39 42.17 21.67 -26.36
C THR D 39 41.97 21.62 -27.88
N TRP D 40 40.79 21.18 -28.31
CA TRP D 40 40.53 20.98 -29.73
C TRP D 40 39.79 22.17 -30.35
N GLY D 41 39.46 23.16 -29.54
CA GLY D 41 38.82 24.36 -30.03
C GLY D 41 37.31 24.32 -29.94
N GLY D 42 36.71 25.49 -29.76
CA GLY D 42 35.27 25.60 -29.66
C GLY D 42 34.86 26.66 -28.64
N SER D 43 33.58 26.70 -28.32
CA SER D 43 33.07 27.67 -27.35
C SER D 43 32.82 27.01 -26.01
N ALA D 44 33.51 27.50 -24.98
CA ALA D 44 33.33 26.98 -23.62
C ALA D 44 31.99 27.42 -23.05
N ARG D 45 31.55 26.74 -21.99
CA ARG D 45 30.29 27.06 -21.36
C ARG D 45 30.47 27.34 -19.88
N ALA D 46 29.46 27.96 -19.27
CA ALA D 46 29.56 28.38 -17.88
C ALA D 46 28.76 27.46 -16.97
N PHE D 47 29.32 27.17 -15.80
CA PHE D 47 28.70 26.28 -14.82
C PHE D 47 27.33 26.81 -14.41
N ASP D 48 27.29 28.08 -14.03
CA ASP D 48 26.06 28.70 -13.54
C ASP D 48 24.96 28.70 -14.60
N GLN D 49 25.37 28.89 -15.86
CA GLN D 49 24.42 28.91 -16.96
C GLN D 49 23.76 27.55 -17.19
N ILE D 50 24.57 26.48 -17.12
CA ILE D 50 24.07 25.13 -17.32
C ILE D 50 23.22 24.69 -16.13
N ASP D 51 23.64 25.08 -14.93
CA ASP D 51 22.95 24.72 -13.70
C ASP D 51 21.49 25.21 -13.69
N ASN D 52 21.28 26.43 -14.15
CA ASN D 52 19.93 26.99 -14.27
C ASN D 52 19.21 26.50 -15.53
N ALA D 53 18.76 25.24 -15.49
CA ALA D 53 18.12 24.61 -16.65
C ALA D 53 16.75 25.21 -16.97
N PRO D 54 16.52 25.55 -18.24
CA PRO D 54 15.26 26.15 -18.72
C PRO D 54 14.17 25.12 -18.99
N GLU D 55 12.92 25.53 -18.86
CA GLU D 55 11.80 24.62 -19.08
C GLU D 55 11.64 24.21 -20.56
N GLU D 56 11.52 22.92 -20.81
CA GLU D 56 11.17 22.44 -22.15
C GLU D 56 10.06 21.38 -22.14
N LYS D 57 9.04 21.57 -22.98
CA LYS D 57 7.92 20.63 -23.07
C LYS D 57 7.99 19.76 -24.33
N ALA D 58 7.58 18.50 -24.19
CA ALA D 58 7.52 17.57 -25.34
C ALA D 58 6.10 17.03 -25.48
N ARG D 59 5.52 16.65 -24.35
CA ARG D 59 4.12 16.23 -24.30
C ARG D 59 3.34 17.31 -23.56
N GLY D 60 4.06 18.36 -23.18
CA GLY D 60 3.51 19.44 -22.38
C GLY D 60 4.11 19.36 -20.99
N ILE D 61 4.89 18.31 -20.79
CA ILE D 61 5.53 18.06 -19.51
C ILE D 61 6.59 19.11 -19.16
N THR D 62 6.64 19.52 -17.91
CA THR D 62 7.68 20.44 -17.47
C THR D 62 8.97 19.66 -17.30
N ILE D 63 9.93 19.86 -18.19
CA ILE D 63 11.22 19.20 -18.03
C ILE D 63 12.37 20.20 -17.94
N ASN D 64 13.07 20.20 -16.81
CA ASN D 64 14.25 21.02 -16.65
C ASN D 64 15.45 20.39 -17.36
N THR D 65 15.79 20.92 -18.53
CA THR D 65 16.85 20.32 -19.34
C THR D 65 17.82 21.36 -19.89
N SER D 66 19.10 21.09 -19.72
CA SER D 66 20.16 21.92 -20.27
C SER D 66 20.85 21.20 -21.42
N HIS D 67 20.86 21.84 -22.59
CA HIS D 67 21.56 21.31 -23.74
C HIS D 67 22.85 22.09 -23.95
N VAL D 68 23.95 21.37 -24.12
CA VAL D 68 25.23 22.02 -24.40
C VAL D 68 25.90 21.29 -25.57
N GLU D 69 26.94 21.91 -26.12
CA GLU D 69 27.67 21.29 -27.23
C GLU D 69 29.17 21.46 -27.06
N TYR D 70 29.92 20.41 -27.38
CA TYR D 70 31.38 20.49 -27.34
C TYR D 70 31.99 19.55 -28.37
N ASP D 71 33.10 19.98 -28.98
CA ASP D 71 33.72 19.22 -30.05
C ASP D 71 34.95 18.46 -29.57
N SER D 72 35.11 17.25 -30.08
CA SER D 72 36.27 16.43 -29.77
C SER D 72 37.30 16.55 -30.91
N ALA D 73 38.18 15.55 -31.00
CA ALA D 73 39.17 15.53 -32.07
C ALA D 73 38.56 15.16 -33.41
N VAL D 74 37.62 14.21 -33.39
CA VAL D 74 37.05 13.69 -34.63
C VAL D 74 35.52 13.71 -34.66
N ARG D 75 34.90 14.14 -33.55
CA ARG D 75 33.45 14.13 -33.45
C ARG D 75 32.88 15.42 -32.86
N HIS D 76 31.58 15.61 -33.05
CA HIS D 76 30.85 16.71 -32.42
C HIS D 76 29.83 16.16 -31.43
N TYR D 77 29.96 16.57 -30.17
CA TYR D 77 29.13 16.01 -29.11
C TYR D 77 28.04 16.97 -28.62
N ALA D 78 26.80 16.48 -28.67
CA ALA D 78 25.66 17.19 -28.11
C ALA D 78 25.29 16.56 -26.77
N HIS D 79 25.41 17.34 -25.71
CA HIS D 79 25.30 16.82 -24.35
C HIS D 79 24.06 17.33 -23.62
N VAL D 80 23.46 16.48 -22.81
CA VAL D 80 22.28 16.85 -22.02
C VAL D 80 22.51 16.67 -20.52
N ASP D 81 22.13 17.67 -19.74
CA ASP D 81 22.22 17.62 -18.29
C ASP D 81 20.91 18.06 -17.64
N CYS D 82 20.59 17.50 -16.49
CA CYS D 82 19.36 17.86 -15.78
C CYS D 82 19.60 18.06 -14.28
N PRO D 83 18.90 19.02 -13.68
CA PRO D 83 19.04 19.34 -12.25
C PRO D 83 18.56 18.22 -11.33
N GLY D 84 17.41 17.63 -11.65
CA GLY D 84 16.78 16.68 -10.74
C GLY D 84 16.42 15.35 -11.38
N HIS D 85 16.18 14.35 -10.53
CA HIS D 85 15.88 13.00 -10.98
C HIS D 85 14.59 12.92 -11.79
N ALA D 86 13.59 13.70 -11.39
CA ALA D 86 12.31 13.73 -12.09
C ALA D 86 12.53 14.19 -13.53
N ASP D 87 13.37 15.19 -13.69
CA ASP D 87 13.74 15.69 -15.01
C ASP D 87 14.31 14.57 -15.86
N TYR D 88 15.17 13.76 -15.27
CA TYR D 88 15.78 12.63 -15.97
C TYR D 88 14.76 11.58 -16.35
N VAL D 89 13.83 11.30 -15.45
CA VAL D 89 12.78 10.33 -15.73
C VAL D 89 11.94 10.77 -16.92
N LYS D 90 11.38 11.97 -16.81
CA LYS D 90 10.52 12.53 -17.85
C LYS D 90 11.25 12.65 -19.19
N ASN D 91 12.50 13.08 -19.14
CA ASN D 91 13.29 13.30 -20.35
C ASN D 91 13.70 12.00 -21.03
N MET D 92 14.03 10.99 -20.23
CA MET D 92 14.47 9.71 -20.78
C MET D 92 13.29 8.88 -21.30
N ILE D 93 12.30 8.65 -20.44
CA ILE D 93 11.15 7.82 -20.81
C ILE D 93 10.47 8.32 -22.08
N THR D 94 10.16 9.61 -22.10
CA THR D 94 9.63 10.24 -23.30
C THR D 94 10.72 10.42 -24.34
N GLY D 95 10.32 10.61 -25.60
CA GLY D 95 11.26 10.79 -26.69
C GLY D 95 12.04 12.09 -26.63
N ALA D 96 11.69 12.93 -25.65
CA ALA D 96 12.25 14.28 -25.51
C ALA D 96 13.77 14.32 -25.56
N ALA D 97 14.43 13.23 -25.17
CA ALA D 97 15.87 13.14 -25.26
C ALA D 97 16.34 11.79 -25.80
N GLN D 98 17.11 11.83 -26.88
CA GLN D 98 17.67 10.62 -27.47
C GLN D 98 19.17 10.56 -27.12
N MET D 99 19.60 9.45 -26.54
CA MET D 99 20.99 9.30 -26.17
C MET D 99 21.67 8.14 -26.89
N ASP D 100 22.69 8.47 -27.68
CA ASP D 100 23.49 7.46 -28.34
C ASP D 100 24.55 6.94 -27.37
N GLY D 101 24.74 7.68 -26.29
CA GLY D 101 25.66 7.27 -25.24
C GLY D 101 25.33 7.95 -23.92
N ALA D 102 25.52 7.24 -22.82
CA ALA D 102 25.23 7.82 -21.50
C ALA D 102 26.48 7.86 -20.63
N ILE D 103 26.66 8.97 -19.93
CA ILE D 103 27.79 9.12 -19.02
C ILE D 103 27.31 9.05 -17.57
N LEU D 104 27.53 7.90 -16.93
CA LEU D 104 27.13 7.72 -15.54
C LEU D 104 28.20 8.23 -14.59
N VAL D 105 27.96 9.39 -14.00
CA VAL D 105 28.89 9.97 -13.04
C VAL D 105 28.51 9.59 -11.61
N CYS D 106 29.46 9.00 -10.89
CA CYS D 106 29.22 8.55 -9.53
C CYS D 106 30.28 9.07 -8.56
N SER D 107 29.83 9.74 -7.51
CA SER D 107 30.73 10.26 -6.48
C SER D 107 31.44 9.13 -5.74
N ALA D 108 32.77 9.07 -5.89
CA ALA D 108 33.57 8.05 -5.23
C ALA D 108 33.61 8.29 -3.72
N ALA D 109 33.47 9.54 -3.31
CA ALA D 109 33.50 9.90 -1.90
C ALA D 109 32.25 9.43 -1.17
N ASP D 110 31.14 9.38 -1.89
CA ASP D 110 29.87 8.98 -1.31
C ASP D 110 29.48 7.56 -1.73
N GLY D 111 30.04 7.11 -2.84
CA GLY D 111 29.69 5.80 -3.37
C GLY D 111 28.38 5.87 -4.13
N PRO D 112 27.94 4.73 -4.68
CA PRO D 112 26.68 4.68 -5.44
C PRO D 112 25.46 5.01 -4.58
N MET D 113 24.44 5.57 -5.20
CA MET D 113 23.24 6.02 -4.48
C MET D 113 22.01 5.64 -5.31
N PRO D 114 20.81 5.62 -4.70
CA PRO D 114 19.59 5.13 -5.37
C PRO D 114 19.36 5.63 -6.80
N GLN D 115 19.53 6.92 -7.07
CA GLN D 115 19.28 7.43 -8.41
C GLN D 115 20.32 6.97 -9.42
N THR D 116 21.49 6.56 -8.96
CA THR D 116 22.51 6.04 -9.86
C THR D 116 22.06 4.70 -10.46
N ARG D 117 21.81 3.73 -9.59
CA ARG D 117 21.32 2.42 -10.01
C ARG D 117 19.98 2.55 -10.73
N GLU D 118 19.16 3.49 -10.27
CA GLU D 118 17.87 3.72 -10.92
C GLU D 118 18.05 4.29 -12.33
N HIS D 119 19.12 5.06 -12.52
CA HIS D 119 19.42 5.61 -13.85
C HIS D 119 20.02 4.55 -14.76
N ILE D 120 20.73 3.61 -14.17
CA ILE D 120 21.22 2.46 -14.93
C ILE D 120 20.03 1.64 -15.40
N LEU D 121 19.09 1.42 -14.48
CA LEU D 121 17.86 0.70 -14.78
C LEU D 121 17.06 1.38 -15.88
N LEU D 122 16.91 2.71 -15.77
CA LEU D 122 16.20 3.48 -16.77
C LEU D 122 16.91 3.46 -18.12
N SER D 123 18.24 3.42 -18.07
CA SER D 123 19.05 3.33 -19.28
C SER D 123 18.80 1.99 -19.98
N ARG D 124 18.68 0.94 -19.16
CA ARG D 124 18.36 -0.39 -19.67
C ARG D 124 16.97 -0.45 -20.29
N GLN D 125 15.99 0.08 -19.56
CA GLN D 125 14.59 0.01 -19.97
C GLN D 125 14.31 0.83 -21.22
N VAL D 126 14.81 2.07 -21.25
CA VAL D 126 14.48 2.98 -22.34
C VAL D 126 15.28 2.69 -23.61
N GLY D 127 16.34 1.90 -23.46
CA GLY D 127 17.12 1.46 -24.61
C GLY D 127 18.42 2.19 -24.82
N VAL D 128 19.01 2.72 -23.74
CA VAL D 128 20.35 3.29 -23.82
C VAL D 128 21.36 2.16 -23.99
N PRO D 129 22.03 2.11 -25.14
CA PRO D 129 22.85 0.95 -25.52
C PRO D 129 24.25 0.95 -24.93
N TYR D 130 24.79 2.11 -24.56
CA TYR D 130 26.15 2.19 -24.04
C TYR D 130 26.27 3.16 -22.88
N ILE D 131 27.03 2.77 -21.87
CA ILE D 131 27.24 3.61 -20.69
C ILE D 131 28.72 3.71 -20.32
N VAL D 132 29.22 4.94 -20.25
CA VAL D 132 30.57 5.19 -19.76
C VAL D 132 30.50 5.79 -18.36
N VAL D 133 31.25 5.22 -17.43
CA VAL D 133 31.19 5.64 -16.03
C VAL D 133 32.34 6.56 -15.66
N PHE D 134 32.00 7.72 -15.10
CA PHE D 134 33.00 8.65 -14.58
C PHE D 134 32.93 8.70 -13.05
N LEU D 135 33.94 8.15 -12.39
CA LEU D 135 33.97 8.15 -10.93
C LEU D 135 34.44 9.50 -10.40
N ASN D 136 33.48 10.37 -10.10
CA ASN D 136 33.78 11.74 -9.69
C ASN D 136 34.21 11.83 -8.22
N LYS D 137 34.73 13.00 -7.85
CA LYS D 137 35.14 13.28 -6.47
C LYS D 137 36.21 12.32 -5.96
N ALA D 138 37.20 12.05 -6.80
CA ALA D 138 38.32 11.19 -6.42
C ALA D 138 39.40 11.97 -5.69
N ASP D 139 39.17 13.27 -5.53
CA ASP D 139 40.12 14.15 -4.86
C ASP D 139 39.94 14.12 -3.33
N MET D 140 38.74 13.77 -2.90
CA MET D 140 38.40 13.78 -1.48
C MET D 140 38.81 12.47 -0.80
N VAL D 141 39.33 11.54 -1.58
CA VAL D 141 39.70 10.22 -1.07
C VAL D 141 41.19 9.95 -1.20
N ASP D 142 41.85 9.70 -0.07
CA ASP D 142 43.28 9.41 -0.07
C ASP D 142 43.55 7.93 -0.34
N ASP D 143 42.63 7.07 0.08
CA ASP D 143 42.79 5.63 -0.07
C ASP D 143 42.25 5.13 -1.42
N ALA D 144 43.15 4.66 -2.27
CA ALA D 144 42.78 4.18 -3.60
C ALA D 144 41.88 2.95 -3.53
N GLU D 145 41.99 2.21 -2.42
CA GLU D 145 41.19 1.01 -2.22
C GLU D 145 39.70 1.33 -2.20
N LEU D 146 39.34 2.52 -1.73
CA LEU D 146 37.95 2.96 -1.76
C LEU D 146 37.49 3.15 -3.19
N LEU D 147 38.37 3.72 -4.02
CA LEU D 147 38.09 3.90 -5.43
C LEU D 147 37.87 2.55 -6.11
N GLU D 148 38.71 1.57 -5.75
CA GLU D 148 38.56 0.22 -6.27
C GLU D 148 37.24 -0.41 -5.86
N LEU D 149 36.89 -0.25 -4.59
CA LEU D 149 35.67 -0.82 -4.04
C LEU D 149 34.44 -0.22 -4.73
N VAL D 150 34.38 1.10 -4.80
CA VAL D 150 33.26 1.78 -5.47
C VAL D 150 33.20 1.39 -6.95
N GLU D 151 34.37 1.24 -7.56
CA GLU D 151 34.46 0.77 -8.94
C GLU D 151 33.79 -0.59 -9.11
N MET D 152 34.15 -1.53 -8.23
CA MET D 152 33.56 -2.86 -8.26
C MET D 152 32.06 -2.82 -8.02
N GLU D 153 31.63 -1.87 -7.19
CA GLU D 153 30.20 -1.70 -6.92
C GLU D 153 29.45 -1.25 -8.17
N VAL D 154 29.98 -0.22 -8.85
CA VAL D 154 29.35 0.28 -10.06
C VAL D 154 29.36 -0.78 -11.15
N ARG D 155 30.44 -1.56 -11.22
CA ARG D 155 30.52 -2.67 -12.17
C ARG D 155 29.46 -3.72 -11.86
N ASP D 156 29.25 -4.00 -10.58
CA ASP D 156 28.22 -4.93 -10.15
C ASP D 156 26.83 -4.43 -10.51
N LEU D 157 26.62 -3.12 -10.37
CA LEU D 157 25.35 -2.50 -10.74
C LEU D 157 25.10 -2.63 -12.24
N LEU D 158 26.15 -2.42 -13.04
CA LEU D 158 26.02 -2.53 -14.48
C LEU D 158 25.74 -3.97 -14.91
N ASN D 159 26.47 -4.93 -14.33
CA ASN D 159 26.24 -6.33 -14.59
C ASN D 159 24.84 -6.77 -14.16
N THR D 160 24.32 -6.11 -13.12
CA THR D 160 22.99 -6.43 -12.61
C THR D 160 21.90 -6.09 -13.61
N TYR D 161 22.09 -5.00 -14.36
CA TYR D 161 21.10 -4.55 -15.31
C TYR D 161 21.55 -4.74 -16.76
N ASP D 162 22.17 -5.89 -17.01
CA ASP D 162 22.53 -6.35 -18.35
C ASP D 162 23.47 -5.41 -19.11
N PHE D 163 24.25 -4.61 -18.36
CA PHE D 163 25.31 -3.82 -18.96
C PHE D 163 26.66 -4.50 -18.75
N PRO D 164 27.49 -4.52 -19.80
CA PRO D 164 28.81 -5.16 -19.69
C PRO D 164 29.73 -4.42 -18.72
N GLY D 165 29.45 -4.55 -17.43
CA GLY D 165 30.19 -3.83 -16.40
C GLY D 165 31.64 -4.25 -16.27
N ASP D 166 31.93 -5.50 -16.62
CA ASP D 166 33.29 -6.01 -16.54
C ASP D 166 34.18 -5.36 -17.59
N ASP D 167 33.61 -5.05 -18.75
CA ASP D 167 34.34 -4.45 -19.84
C ASP D 167 34.07 -2.94 -19.94
N THR D 168 33.10 -2.46 -19.17
CA THR D 168 32.74 -1.05 -19.19
C THR D 168 33.91 -0.16 -18.77
N PRO D 169 34.27 0.80 -19.63
CA PRO D 169 35.33 1.76 -19.30
C PRO D 169 34.89 2.72 -18.20
N ILE D 170 35.55 2.65 -17.05
CA ILE D 170 35.30 3.59 -15.97
C ILE D 170 36.52 4.47 -15.77
N ILE D 171 36.31 5.79 -15.78
CA ILE D 171 37.42 6.72 -15.63
C ILE D 171 37.34 7.46 -14.29
N ILE D 172 38.44 7.43 -13.55
CA ILE D 172 38.50 8.05 -12.24
C ILE D 172 39.04 9.47 -12.35
N GLY D 173 38.36 10.41 -11.69
CA GLY D 173 38.77 11.80 -11.73
C GLY D 173 37.84 12.71 -10.93
N SER D 174 38.04 14.01 -11.09
CA SER D 174 37.23 14.99 -10.39
C SER D 174 36.84 16.12 -11.33
N ALA D 175 35.54 16.26 -11.59
CA ALA D 175 35.01 17.25 -12.51
C ALA D 175 35.39 18.67 -12.07
N LEU D 176 35.38 18.91 -10.76
CA LEU D 176 35.73 20.21 -10.22
C LEU D 176 37.22 20.49 -10.41
N MET D 177 38.04 19.51 -10.06
CA MET D 177 39.50 19.63 -10.20
C MET D 177 39.88 19.78 -11.67
N ALA D 178 39.05 19.21 -12.55
CA ALA D 178 39.27 19.32 -13.99
C ALA D 178 38.84 20.69 -14.48
N LEU D 179 37.81 21.25 -13.86
CA LEU D 179 37.30 22.56 -14.24
C LEU D 179 38.29 23.66 -13.88
N GLU D 180 38.92 23.52 -12.73
CA GLU D 180 39.90 24.50 -12.27
C GLU D 180 41.23 24.32 -13.00
N GLY D 181 41.27 23.35 -13.90
CA GLY D 181 42.42 23.09 -14.75
C GLY D 181 43.66 22.73 -13.96
N LYS D 182 43.51 21.76 -13.07
CA LYS D 182 44.63 21.28 -12.26
C LYS D 182 44.84 19.77 -12.41
N ASP D 183 45.69 19.38 -13.36
CA ASP D 183 46.00 17.98 -13.59
C ASP D 183 47.17 17.56 -12.68
N ASP D 184 47.05 17.90 -11.40
CA ASP D 184 48.10 17.62 -10.42
C ASP D 184 48.41 16.14 -10.29
N ASN D 185 47.38 15.33 -10.05
CA ASN D 185 47.58 13.89 -9.86
C ASN D 185 47.05 13.09 -11.05
N GLY D 186 46.90 13.77 -12.19
CA GLY D 186 46.34 13.19 -13.39
C GLY D 186 44.83 13.27 -13.36
N ILE D 187 44.31 13.92 -12.33
CA ILE D 187 42.88 13.89 -12.02
C ILE D 187 42.15 15.00 -12.77
N GLY D 188 42.89 16.03 -13.16
CA GLY D 188 42.28 17.23 -13.71
C GLY D 188 41.93 17.18 -15.18
N VAL D 189 42.60 18.00 -15.97
CA VAL D 189 42.30 18.14 -17.40
C VAL D 189 42.55 16.82 -18.14
N SER D 190 43.48 16.03 -17.62
CA SER D 190 43.86 14.77 -18.24
C SER D 190 42.76 13.74 -18.14
N ALA D 191 42.07 13.70 -17.00
CA ALA D 191 41.04 12.70 -16.76
C ALA D 191 39.84 12.94 -17.67
N VAL D 192 39.38 14.17 -17.74
CA VAL D 192 38.28 14.53 -18.63
C VAL D 192 38.69 14.35 -20.09
N GLN D 193 39.95 14.67 -20.42
CA GLN D 193 40.46 14.41 -21.75
C GLN D 193 40.33 12.92 -22.10
N LYS D 194 40.67 12.08 -21.13
CA LYS D 194 40.59 10.64 -21.29
C LYS D 194 39.13 10.21 -21.38
N LEU D 195 38.25 10.97 -20.75
CA LEU D 195 36.81 10.73 -20.83
C LEU D 195 36.31 10.96 -22.25
N VAL D 196 36.70 12.09 -22.84
CA VAL D 196 36.32 12.39 -24.22
C VAL D 196 36.89 11.36 -25.18
N GLU D 197 38.15 10.99 -24.98
CA GLU D 197 38.77 9.95 -25.79
C GLU D 197 38.01 8.63 -25.67
N THR D 198 37.52 8.36 -24.45
CA THR D 198 36.73 7.17 -24.19
C THR D 198 35.39 7.24 -24.91
N LEU D 199 34.82 8.44 -25.00
CA LEU D 199 33.59 8.64 -25.75
C LEU D 199 33.84 8.37 -27.24
N ASP D 200 35.03 8.72 -27.71
CA ASP D 200 35.41 8.47 -29.10
C ASP D 200 35.66 7.00 -29.39
N SER D 201 36.18 6.28 -28.39
CA SER D 201 36.62 4.90 -28.61
C SER D 201 35.57 3.84 -28.27
N TYR D 202 34.64 4.18 -27.38
CA TYR D 202 33.68 3.21 -26.88
C TYR D 202 32.31 3.35 -27.54
N ILE D 203 31.83 4.58 -27.65
CA ILE D 203 30.52 4.85 -28.23
C ILE D 203 30.56 4.82 -29.75
N PRO D 204 29.84 3.85 -30.35
CA PRO D 204 29.78 3.68 -31.81
C PRO D 204 29.04 4.84 -32.48
N GLU D 205 29.25 5.00 -33.79
CA GLU D 205 28.57 6.07 -34.52
C GLU D 205 27.10 5.73 -34.73
N PRO D 206 26.21 6.69 -34.43
CA PRO D 206 24.77 6.53 -34.57
C PRO D 206 24.34 6.23 -36.00
N VAL D 207 23.42 5.28 -36.17
CA VAL D 207 22.90 4.95 -37.49
C VAL D 207 21.95 6.04 -37.98
N ARG D 208 22.19 6.55 -39.18
CA ARG D 208 21.39 7.61 -39.75
C ARG D 208 19.97 7.12 -40.08
N ALA D 209 19.00 8.02 -39.97
CA ALA D 209 17.61 7.69 -40.22
C ALA D 209 17.36 7.29 -41.67
N ILE D 210 18.28 7.71 -42.54
CA ILE D 210 18.15 7.42 -43.97
C ILE D 210 18.79 6.06 -44.29
N ASP D 211 19.57 5.53 -43.36
CA ASP D 211 20.23 4.25 -43.54
C ASP D 211 19.46 3.12 -42.85
N GLN D 212 18.49 3.50 -42.03
CA GLN D 212 17.64 2.53 -41.35
C GLN D 212 16.70 1.85 -42.34
N PRO D 213 16.19 0.66 -42.00
CA PRO D 213 15.18 -0.01 -42.83
C PRO D 213 13.91 0.84 -42.98
N PHE D 214 13.22 0.67 -44.10
CA PHE D 214 12.03 1.48 -44.39
C PHE D 214 10.92 1.28 -43.37
N LEU D 215 10.32 2.38 -42.94
CA LEU D 215 9.20 2.35 -42.00
C LEU D 215 8.36 3.61 -42.17
N MET D 216 7.08 3.43 -42.50
CA MET D 216 6.20 4.57 -42.70
C MET D 216 4.79 4.30 -42.17
N PRO D 217 4.38 5.08 -41.17
CA PRO D 217 3.02 4.99 -40.60
C PRO D 217 1.97 5.50 -41.57
N ILE D 218 1.02 4.64 -41.94
CA ILE D 218 -0.05 5.04 -42.85
C ILE D 218 -1.02 6.01 -42.18
N GLU D 219 -1.10 7.22 -42.73
CA GLU D 219 -1.96 8.24 -42.15
C GLU D 219 -3.35 8.25 -42.79
N ASP D 220 -3.41 8.22 -44.12
CA ASP D 220 -4.69 8.20 -44.81
C ASP D 220 -4.66 7.32 -46.06
N VAL D 221 -5.84 6.97 -46.55
CA VAL D 221 -5.95 6.13 -47.74
C VAL D 221 -6.81 6.78 -48.84
N PHE D 222 -6.19 6.93 -50.01
CA PHE D 222 -6.83 7.51 -51.19
C PHE D 222 -6.89 6.52 -52.34
N SER D 223 -8.05 6.43 -52.99
CA SER D 223 -8.20 5.56 -54.14
C SER D 223 -8.59 6.42 -55.34
N ILE D 224 -7.64 7.25 -55.75
CA ILE D 224 -7.80 8.11 -56.92
C ILE D 224 -6.68 7.86 -57.93
N SER D 225 -6.68 8.64 -59.01
CA SER D 225 -5.74 8.48 -60.14
C SER D 225 -5.75 7.08 -60.75
N GLY D 226 -4.72 6.29 -60.45
CA GLY D 226 -4.56 4.98 -61.04
C GLY D 226 -5.45 3.90 -60.44
N ARG D 227 -5.18 2.66 -60.84
CA ARG D 227 -5.99 1.52 -60.43
C ARG D 227 -5.73 1.15 -58.97
N GLY D 228 -4.46 1.09 -58.60
CA GLY D 228 -4.05 0.77 -57.25
C GLY D 228 -4.56 1.77 -56.22
N THR D 229 -4.28 1.51 -54.95
CA THR D 229 -4.69 2.42 -53.89
C THR D 229 -3.45 3.03 -53.24
N VAL D 230 -3.46 4.36 -53.10
CA VAL D 230 -2.30 5.06 -52.56
C VAL D 230 -2.54 5.53 -51.13
N VAL D 231 -1.56 5.27 -50.27
CA VAL D 231 -1.63 5.68 -48.88
C VAL D 231 -0.67 6.82 -48.58
N THR D 232 -1.18 7.86 -47.93
CA THR D 232 -0.38 9.05 -47.66
C THR D 232 0.01 9.14 -46.19
N GLY D 233 1.21 9.65 -45.96
CA GLY D 233 1.75 9.80 -44.62
C GLY D 233 3.20 10.27 -44.69
N ARG D 234 3.86 10.36 -43.53
CA ARG D 234 5.25 10.78 -43.50
C ARG D 234 6.20 9.61 -43.22
N VAL D 235 7.20 9.44 -44.09
CA VAL D 235 8.19 8.39 -43.93
C VAL D 235 9.12 8.70 -42.77
N GLU D 236 9.12 7.84 -41.77
CA GLU D 236 9.95 8.04 -40.58
C GLU D 236 11.36 7.50 -40.80
N ARG D 237 11.47 6.29 -41.36
CA ARG D 237 12.76 5.65 -41.58
C ARG D 237 12.87 5.09 -42.99
N GLY D 238 14.11 5.00 -43.48
CA GLY D 238 14.40 4.36 -44.75
C GLY D 238 13.88 5.07 -45.98
N ILE D 239 14.01 4.40 -47.12
CA ILE D 239 13.57 4.97 -48.39
C ILE D 239 12.68 3.98 -49.14
N ILE D 240 11.54 4.47 -49.64
CA ILE D 240 10.67 3.64 -50.46
C ILE D 240 10.86 3.96 -51.93
N LYS D 241 11.07 2.92 -52.74
CA LYS D 241 11.29 3.09 -54.17
C LYS D 241 10.20 2.42 -54.98
N VAL D 242 10.05 2.86 -56.23
CA VAL D 242 9.09 2.25 -57.15
C VAL D 242 9.44 0.79 -57.43
N GLN D 243 8.42 -0.04 -57.57
CA GLN D 243 8.57 -1.46 -57.89
C GLN D 243 9.20 -2.25 -56.75
N GLU D 244 9.28 -1.64 -55.57
CA GLU D 244 9.79 -2.33 -54.40
C GLU D 244 8.64 -2.95 -53.59
N GLU D 245 8.90 -4.12 -53.00
CA GLU D 245 7.90 -4.80 -52.20
C GLU D 245 7.86 -4.26 -50.78
N VAL D 246 6.65 -4.09 -50.25
CA VAL D 246 6.48 -3.58 -48.89
C VAL D 246 5.45 -4.39 -48.11
N GLU D 247 5.58 -4.37 -46.79
CA GLU D 247 4.67 -5.11 -45.91
C GLU D 247 3.72 -4.19 -45.15
N ILE D 248 2.43 -4.53 -45.21
CA ILE D 248 1.42 -3.86 -44.40
C ILE D 248 1.31 -4.59 -43.07
N VAL D 249 1.85 -3.98 -42.01
CA VAL D 249 1.93 -4.64 -40.72
C VAL D 249 1.13 -3.88 -39.66
N GLY D 250 0.39 -4.61 -38.84
CA GLY D 250 -0.39 -4.01 -37.76
C GLY D 250 -1.86 -4.37 -37.83
N ILE D 251 -2.55 -4.19 -36.70
CA ILE D 251 -4.00 -4.43 -36.59
C ILE D 251 -4.38 -5.87 -36.93
N LYS D 252 -4.14 -6.28 -38.17
CA LYS D 252 -4.48 -7.63 -38.60
C LYS D 252 -3.25 -8.39 -39.07
N ALA D 253 -3.46 -9.44 -39.85
CA ALA D 253 -2.37 -10.24 -40.39
C ALA D 253 -1.52 -9.42 -41.36
N THR D 254 -0.21 -9.64 -41.31
CA THR D 254 0.72 -8.92 -42.18
C THR D 254 0.46 -9.22 -43.66
N THR D 255 0.39 -8.17 -44.46
CA THR D 255 0.09 -8.31 -45.89
C THR D 255 1.28 -7.92 -46.75
N LYS D 256 1.29 -8.42 -47.99
CA LYS D 256 2.36 -8.13 -48.93
C LYS D 256 1.86 -7.29 -50.10
N THR D 257 2.59 -6.24 -50.44
CA THR D 257 2.19 -5.34 -51.52
C THR D 257 3.41 -4.84 -52.30
N THR D 258 3.16 -4.05 -53.34
CA THR D 258 4.22 -3.50 -54.17
C THR D 258 3.99 -2.02 -54.47
N CYS D 259 5.02 -1.20 -54.20
CA CYS D 259 4.95 0.23 -54.49
C CYS D 259 5.11 0.51 -55.98
N THR D 260 4.05 0.95 -56.63
CA THR D 260 4.09 1.22 -58.06
C THR D 260 4.43 2.66 -58.40
N GLY D 261 4.36 3.55 -57.40
CA GLY D 261 4.68 4.94 -57.63
C GLY D 261 4.61 5.82 -56.39
N VAL D 262 5.45 6.84 -56.35
CA VAL D 262 5.41 7.83 -55.28
C VAL D 262 5.01 9.19 -55.85
N GLU D 263 4.00 9.81 -55.24
CA GLU D 263 3.47 11.07 -55.76
C GLU D 263 3.31 12.13 -54.68
N MET D 264 3.87 13.32 -54.93
CA MET D 264 3.68 14.44 -54.02
C MET D 264 3.00 15.59 -54.75
N PHE D 265 1.74 15.86 -54.39
CA PHE D 265 0.90 16.83 -55.09
C PHE D 265 0.83 16.46 -56.58
N ARG D 266 1.32 17.35 -57.43
CA ARG D 266 1.41 17.09 -58.86
C ARG D 266 2.65 16.27 -59.20
N LYS D 267 3.72 16.51 -58.46
CA LYS D 267 5.02 15.92 -58.80
C LYS D 267 5.01 14.41 -58.70
N LEU D 268 5.64 13.77 -59.67
CA LEU D 268 5.81 12.32 -59.66
C LEU D 268 7.27 11.96 -59.39
N LEU D 269 7.53 11.31 -58.26
CA LEU D 269 8.92 11.06 -57.83
C LEU D 269 9.36 9.61 -58.01
N ASP D 270 10.67 9.43 -58.15
CA ASP D 270 11.27 8.10 -58.28
C ASP D 270 11.25 7.35 -56.96
N GLU D 271 11.29 8.09 -55.85
CA GLU D 271 11.33 7.48 -54.53
C GLU D 271 10.83 8.44 -53.46
N GLY D 272 10.61 7.91 -52.26
CA GLY D 272 10.20 8.71 -51.12
C GLY D 272 11.17 8.55 -49.96
N ARG D 273 11.78 9.66 -49.55
CA ARG D 273 12.79 9.63 -48.50
C ARG D 273 12.21 9.99 -47.14
N ALA D 274 12.95 9.68 -46.08
CA ALA D 274 12.52 9.95 -44.71
C ALA D 274 12.33 11.45 -44.45
N GLY D 275 11.31 11.79 -43.69
CA GLY D 275 11.03 13.17 -43.34
C GLY D 275 10.06 13.83 -44.30
N GLU D 276 9.88 13.23 -45.46
CA GLU D 276 9.00 13.78 -46.48
C GLU D 276 7.58 13.25 -46.35
N ASN D 277 6.60 14.13 -46.53
CA ASN D 277 5.20 13.74 -46.54
C ASN D 277 4.79 13.28 -47.93
N VAL D 278 4.68 11.97 -48.12
CA VAL D 278 4.44 11.41 -49.43
C VAL D 278 3.22 10.50 -49.47
N GLY D 279 2.86 10.08 -50.68
CA GLY D 279 1.80 9.11 -50.90
C GLY D 279 2.31 7.98 -51.78
N ILE D 280 2.27 6.76 -51.24
CA ILE D 280 2.80 5.61 -51.97
C ILE D 280 1.69 4.75 -52.57
N LEU D 281 1.82 4.46 -53.86
CA LEU D 281 0.84 3.66 -54.60
C LEU D 281 1.03 2.17 -54.35
N LEU D 282 -0.05 1.52 -53.91
CA LEU D 282 -0.04 0.08 -53.66
C LEU D 282 -0.82 -0.66 -54.73
N ARG D 283 -0.17 -1.62 -55.37
CA ARG D 283 -0.75 -2.39 -56.47
C ARG D 283 -1.69 -3.48 -55.98
N GLY D 284 -2.84 -3.60 -56.63
CA GLY D 284 -3.79 -4.66 -56.34
C GLY D 284 -4.29 -4.67 -54.91
N THR D 285 -4.43 -3.50 -54.31
CA THR D 285 -4.87 -3.40 -52.93
C THR D 285 -6.25 -2.75 -52.87
N LYS D 286 -6.96 -2.98 -51.77
CA LYS D 286 -8.29 -2.43 -51.59
C LYS D 286 -8.37 -1.61 -50.30
N ARG D 287 -9.40 -0.77 -50.22
CA ARG D 287 -9.58 0.08 -49.04
C ARG D 287 -9.95 -0.74 -47.81
N GLU D 288 -10.64 -1.85 -48.03
CA GLU D 288 -11.00 -2.76 -46.95
C GLU D 288 -9.79 -3.56 -46.46
N ASP D 289 -8.77 -3.66 -47.31
CA ASP D 289 -7.55 -4.38 -46.98
C ASP D 289 -6.62 -3.56 -46.10
N VAL D 290 -6.73 -2.24 -46.21
CA VAL D 290 -5.86 -1.34 -45.47
C VAL D 290 -6.63 -0.59 -44.39
N GLU D 291 -6.10 -0.57 -43.17
CA GLU D 291 -6.75 0.11 -42.07
C GLU D 291 -5.85 1.23 -41.54
N ARG D 292 -6.32 1.91 -40.50
CA ARG D 292 -5.51 2.93 -39.84
C ARG D 292 -4.56 2.31 -38.83
N GLY D 293 -3.47 3.01 -38.51
CA GLY D 293 -2.51 2.52 -37.55
C GLY D 293 -1.50 1.55 -38.13
N GLN D 294 -1.89 0.86 -39.20
CA GLN D 294 -0.98 -0.06 -39.88
C GLN D 294 0.17 0.70 -40.51
N VAL D 295 1.32 0.03 -40.64
CA VAL D 295 2.50 0.68 -41.19
C VAL D 295 3.06 -0.10 -42.38
N LEU D 296 3.64 0.63 -43.32
CA LEU D 296 4.35 0.02 -44.44
C LEU D 296 5.82 -0.11 -44.09
N ALA D 297 6.37 -1.32 -44.20
CA ALA D 297 7.76 -1.53 -43.82
C ALA D 297 8.50 -2.43 -44.79
N LYS D 298 9.83 -2.35 -44.76
CA LYS D 298 10.68 -3.28 -45.50
C LYS D 298 10.48 -4.68 -44.95
N PRO D 299 10.28 -5.66 -45.84
CA PRO D 299 9.96 -7.05 -45.45
C PRO D 299 10.91 -7.66 -44.43
N GLY D 300 10.37 -8.08 -43.30
CA GLY D 300 11.13 -8.76 -42.27
C GLY D 300 11.88 -7.85 -41.31
N THR D 301 11.47 -6.59 -41.23
CA THR D 301 12.13 -5.63 -40.36
C THR D 301 11.29 -5.29 -39.12
N ILE D 302 9.99 -5.54 -39.21
CA ILE D 302 9.09 -5.26 -38.08
C ILE D 302 7.99 -6.31 -37.99
N LYS D 303 7.41 -6.45 -36.80
CA LYS D 303 6.36 -7.43 -36.55
C LYS D 303 5.34 -6.91 -35.54
N PRO D 304 4.10 -7.43 -35.60
CA PRO D 304 3.05 -7.01 -34.67
C PRO D 304 3.11 -7.72 -33.32
N HIS D 305 2.70 -7.03 -32.27
CA HIS D 305 2.67 -7.60 -30.93
C HIS D 305 1.45 -7.14 -30.15
N THR D 306 1.01 -7.96 -29.20
CA THR D 306 -0.15 -7.64 -28.37
C THR D 306 0.28 -7.40 -26.93
N LYS D 307 1.16 -8.25 -26.43
CA LYS D 307 1.61 -8.17 -25.04
C LYS D 307 3.10 -7.83 -24.97
N PHE D 308 3.43 -6.77 -24.23
CA PHE D 308 4.81 -6.33 -24.12
C PHE D 308 5.06 -5.59 -22.81
N GLU D 309 6.29 -5.71 -22.30
CA GLU D 309 6.70 -4.98 -21.11
C GLU D 309 7.24 -3.61 -21.48
N CYS D 310 6.84 -2.59 -20.72
CA CYS D 310 7.24 -1.21 -21.02
C CYS D 310 7.46 -0.40 -19.74
N GLU D 311 8.09 0.76 -19.89
CA GLU D 311 8.25 1.70 -18.78
C GLU D 311 7.40 2.93 -19.01
N VAL D 312 6.55 3.28 -18.04
CA VAL D 312 5.62 4.37 -18.24
C VAL D 312 5.69 5.45 -17.15
N TYR D 313 5.47 6.69 -17.57
CA TYR D 313 5.38 7.83 -16.67
C TYR D 313 3.99 8.45 -16.77
N VAL D 314 3.33 8.56 -15.63
CA VAL D 314 1.98 9.12 -15.57
C VAL D 314 2.02 10.63 -15.35
N LEU D 315 1.27 11.36 -16.16
CA LEU D 315 1.21 12.82 -16.04
C LEU D 315 0.43 13.25 -14.80
N SER D 316 0.95 14.24 -14.09
CA SER D 316 0.28 14.77 -12.91
C SER D 316 -0.92 15.62 -13.32
N LYS D 317 -1.78 15.93 -12.35
CA LYS D 317 -2.98 16.73 -12.62
C LYS D 317 -2.64 18.10 -13.21
N GLU D 318 -1.50 18.64 -12.80
CA GLU D 318 -1.07 19.95 -13.26
C GLU D 318 -0.69 19.95 -14.74
N GLU D 319 0.04 18.92 -15.16
CA GLU D 319 0.56 18.85 -16.52
C GLU D 319 -0.47 18.31 -17.52
N GLY D 320 -1.73 18.29 -17.13
CA GLY D 320 -2.80 17.86 -18.02
C GLY D 320 -3.17 16.41 -17.86
N GLY D 321 -2.61 15.77 -16.83
CA GLY D 321 -2.88 14.37 -16.56
C GLY D 321 -4.18 14.18 -15.79
N ARG D 322 -4.49 12.93 -15.47
CA ARG D 322 -5.72 12.63 -14.74
C ARG D 322 -5.62 13.10 -13.30
N HIS D 323 -6.76 13.20 -12.62
CA HIS D 323 -6.79 13.67 -11.24
C HIS D 323 -6.93 12.52 -10.25
N THR D 324 -7.06 11.31 -10.78
CA THR D 324 -7.28 10.12 -9.97
C THR D 324 -6.28 9.05 -10.38
N PRO D 325 -5.74 8.29 -9.40
CA PRO D 325 -4.83 7.21 -9.82
C PRO D 325 -5.55 6.10 -10.59
N PHE D 326 -4.79 5.11 -11.04
CA PHE D 326 -5.34 4.00 -11.82
C PHE D 326 -5.22 2.68 -11.07
N PHE D 327 -5.82 1.63 -11.63
CA PHE D 327 -5.76 0.29 -11.05
C PHE D 327 -5.20 -0.73 -12.04
N LYS D 328 -5.31 -2.01 -11.68
CA LYS D 328 -4.83 -3.09 -12.53
C LYS D 328 -5.80 -3.40 -13.65
N GLY D 329 -7.08 -3.10 -13.44
CA GLY D 329 -8.09 -3.34 -14.46
C GLY D 329 -8.26 -2.13 -15.34
N TYR D 330 -7.28 -1.24 -15.31
CA TYR D 330 -7.26 -0.04 -16.13
C TYR D 330 -7.20 -0.40 -17.61
N ARG D 331 -8.01 0.28 -18.42
CA ARG D 331 -8.03 0.02 -19.85
C ARG D 331 -7.97 1.31 -20.67
N PRO D 332 -6.85 2.05 -20.54
CA PRO D 332 -6.71 3.34 -21.24
C PRO D 332 -6.44 3.18 -22.73
N GLN D 333 -6.51 4.28 -23.47
CA GLN D 333 -6.17 4.23 -24.89
C GLN D 333 -4.67 4.40 -25.05
N PHE D 334 -4.09 3.66 -25.99
CA PHE D 334 -2.65 3.74 -26.24
C PHE D 334 -2.39 4.32 -27.62
N TYR D 335 -1.63 5.41 -27.65
CA TYR D 335 -1.35 6.07 -28.91
C TYR D 335 -0.04 5.57 -29.48
N PHE D 336 -0.14 4.83 -30.58
CA PHE D 336 1.00 4.26 -31.25
C PHE D 336 1.17 4.94 -32.60
N ARG D 337 2.24 5.72 -32.73
CA ARG D 337 2.54 6.45 -33.97
C ARG D 337 1.36 7.32 -34.40
N THR D 338 0.45 6.76 -35.18
CA THR D 338 -0.68 7.52 -35.69
C THR D 338 -2.05 7.01 -35.26
N THR D 339 -2.12 6.09 -34.30
CA THR D 339 -3.40 5.47 -33.96
C THR D 339 -3.70 5.31 -32.48
N ASP D 340 -4.98 5.12 -32.18
CA ASP D 340 -5.44 4.80 -30.82
C ASP D 340 -5.81 3.32 -30.73
N VAL D 341 -5.27 2.63 -29.72
CA VAL D 341 -5.55 1.22 -29.51
C VAL D 341 -5.80 0.93 -28.03
N THR D 342 -6.97 0.37 -27.73
CA THR D 342 -7.33 0.04 -26.36
C THR D 342 -6.56 -1.17 -25.87
N GLY D 343 -6.00 -1.09 -24.67
CA GLY D 343 -5.24 -2.19 -24.11
C GLY D 343 -5.25 -2.22 -22.60
N ASN D 344 -5.30 -3.42 -22.04
CA ASN D 344 -5.22 -3.59 -20.59
C ASN D 344 -3.78 -3.41 -20.11
N CYS D 345 -3.61 -3.17 -18.83
CA CYS D 345 -2.27 -2.97 -18.27
C CYS D 345 -2.09 -3.69 -16.94
N GLU D 346 -0.93 -4.32 -16.77
CA GLU D 346 -0.62 -5.06 -15.56
C GLU D 346 0.49 -4.38 -14.76
N LEU D 347 0.21 -4.14 -13.49
CA LEU D 347 1.14 -3.46 -12.60
C LEU D 347 2.23 -4.40 -12.09
N PRO D 348 3.37 -3.85 -11.66
CA PRO D 348 4.45 -4.69 -11.14
C PRO D 348 4.09 -5.30 -9.78
N GLU D 349 4.86 -6.29 -9.34
CA GLU D 349 4.58 -6.99 -8.10
C GLU D 349 4.72 -6.08 -6.89
N GLY D 350 3.75 -6.15 -5.98
CA GLY D 350 3.80 -5.39 -4.74
C GLY D 350 3.14 -4.03 -4.82
N VAL D 351 2.76 -3.63 -6.03
CA VAL D 351 2.13 -2.32 -6.23
C VAL D 351 0.78 -2.46 -6.92
N GLU D 352 -0.22 -1.72 -6.43
CA GLU D 352 -1.55 -1.72 -7.02
C GLU D 352 -2.10 -0.30 -7.14
N MET D 353 -1.34 0.66 -6.63
CA MET D 353 -1.75 2.06 -6.70
C MET D 353 -0.57 2.95 -7.11
N VAL D 354 -0.78 3.77 -8.14
CA VAL D 354 0.25 4.70 -8.59
C VAL D 354 -0.31 6.11 -8.73
N MET D 355 0.29 7.05 -8.02
CA MET D 355 -0.17 8.44 -8.04
C MET D 355 0.27 9.13 -9.34
N PRO D 356 -0.53 10.10 -9.81
CA PRO D 356 -0.16 10.87 -10.99
C PRO D 356 1.14 11.62 -10.79
N GLY D 357 2.18 11.25 -11.56
CA GLY D 357 3.49 11.85 -11.43
C GLY D 357 4.56 10.81 -11.19
N ASP D 358 4.14 9.56 -11.00
CA ASP D 358 5.08 8.48 -10.74
C ASP D 358 5.48 7.75 -12.02
N ASN D 359 6.60 7.06 -11.97
CA ASN D 359 7.06 6.24 -13.09
C ASN D 359 7.23 4.78 -12.69
N ILE D 360 6.61 3.88 -13.46
CA ILE D 360 6.62 2.46 -13.10
C ILE D 360 6.87 1.54 -14.30
N LYS D 361 7.25 0.31 -13.99
CA LYS D 361 7.39 -0.75 -15.00
C LYS D 361 6.05 -1.46 -15.17
N MET D 362 5.42 -1.24 -16.33
CA MET D 362 4.07 -1.73 -16.57
C MET D 362 4.03 -2.69 -17.77
N VAL D 363 3.26 -3.76 -17.65
CA VAL D 363 3.15 -4.76 -18.72
C VAL D 363 1.84 -4.60 -19.48
N VAL D 364 1.91 -4.05 -20.69
CA VAL D 364 0.73 -3.73 -21.48
C VAL D 364 0.29 -4.88 -22.38
N THR D 365 -0.99 -5.23 -22.31
CA THR D 365 -1.58 -6.23 -23.19
C THR D 365 -2.69 -5.63 -24.04
N LEU D 366 -2.39 -5.38 -25.31
CA LEU D 366 -3.34 -4.75 -26.22
C LEU D 366 -4.45 -5.72 -26.64
N ILE D 367 -5.52 -5.17 -27.21
CA ILE D 367 -6.61 -5.98 -27.75
C ILE D 367 -6.40 -6.21 -29.23
N ALA D 368 -5.44 -5.47 -29.80
CA ALA D 368 -5.10 -5.59 -31.20
C ALA D 368 -3.59 -5.51 -31.40
N PRO D 369 -3.04 -6.40 -32.24
CA PRO D 369 -1.59 -6.44 -32.50
C PRO D 369 -1.09 -5.21 -33.25
N ILE D 370 -0.01 -4.62 -32.74
CA ILE D 370 0.57 -3.44 -33.37
C ILE D 370 2.03 -3.69 -33.75
N ALA D 371 2.38 -3.37 -34.98
CA ALA D 371 3.77 -3.49 -35.45
C ALA D 371 4.68 -2.61 -34.60
N MET D 372 5.57 -3.25 -33.84
CA MET D 372 6.40 -2.49 -32.91
C MET D 372 7.78 -3.11 -32.72
N GLU D 373 8.70 -2.28 -32.24
CA GLU D 373 10.07 -2.71 -31.95
C GLU D 373 10.46 -2.16 -30.58
N ASP D 374 11.54 -2.70 -30.01
CA ASP D 374 12.03 -2.23 -28.72
C ASP D 374 12.56 -0.80 -28.80
N GLY D 375 12.18 0.03 -27.82
CA GLY D 375 12.61 1.41 -27.77
C GLY D 375 11.58 2.38 -28.31
N LEU D 376 10.50 1.83 -28.88
CA LEU D 376 9.44 2.64 -29.45
C LEU D 376 8.66 3.40 -28.38
N ARG D 377 8.67 4.72 -28.46
CA ARG D 377 7.90 5.55 -27.54
C ARG D 377 6.43 5.57 -27.93
N PHE D 378 5.56 5.61 -26.93
CA PHE D 378 4.12 5.66 -27.17
C PHE D 378 3.43 6.55 -26.16
N ALA D 379 2.18 6.91 -26.43
CA ALA D 379 1.42 7.77 -25.53
C ALA D 379 0.30 7.01 -24.84
N ILE D 380 -0.18 7.56 -23.73
CA ILE D 380 -1.35 7.02 -23.04
C ILE D 380 -2.40 8.12 -22.89
N ARG D 381 -3.56 7.90 -23.51
CA ARG D 381 -4.61 8.90 -23.55
C ARG D 381 -5.97 8.37 -23.09
N GLU D 382 -6.82 9.28 -22.64
CA GLU D 382 -8.21 8.97 -22.32
C GLU D 382 -9.13 9.88 -23.13
N GLY D 383 -10.00 9.27 -23.94
CA GLY D 383 -10.93 10.02 -24.77
C GLY D 383 -10.24 11.01 -25.69
N GLY D 384 -9.03 10.68 -26.13
CA GLY D 384 -8.29 11.53 -27.04
C GLY D 384 -7.38 12.53 -26.35
N ARG D 385 -7.43 12.58 -25.03
CA ARG D 385 -6.59 13.51 -24.27
C ARG D 385 -5.51 12.77 -23.48
N THR D 386 -4.27 13.25 -23.59
CA THR D 386 -3.12 12.61 -22.97
C THR D 386 -3.18 12.55 -21.45
N VAL D 387 -2.95 11.37 -20.90
CA VAL D 387 -2.92 11.19 -19.44
C VAL D 387 -1.58 10.61 -18.97
N GLY D 388 -0.77 10.18 -19.93
CA GLY D 388 0.54 9.63 -19.62
C GLY D 388 1.39 9.39 -20.85
N ALA D 389 2.65 9.02 -20.65
CA ALA D 389 3.54 8.71 -21.76
C ALA D 389 4.52 7.59 -21.40
N GLY D 390 4.82 6.70 -22.34
CA GLY D 390 5.67 5.56 -22.05
C GLY D 390 6.59 5.12 -23.18
N VAL D 391 7.34 4.04 -22.93
CA VAL D 391 8.26 3.50 -23.92
C VAL D 391 8.40 1.98 -23.77
N VAL D 392 8.34 1.27 -24.89
CA VAL D 392 8.43 -0.19 -24.89
C VAL D 392 9.78 -0.71 -24.39
N ALA D 393 9.77 -1.26 -23.18
CA ALA D 393 10.98 -1.82 -22.58
C ALA D 393 11.39 -3.16 -23.22
N LYS D 394 10.44 -4.08 -23.32
CA LYS D 394 10.76 -5.43 -23.80
C LYS D 394 9.51 -6.21 -24.22
N ILE D 395 9.60 -6.93 -25.33
CA ILE D 395 8.49 -7.73 -25.83
C ILE D 395 8.43 -9.09 -25.12
N ILE D 396 7.26 -9.45 -24.61
CA ILE D 396 7.08 -10.68 -23.84
C ILE D 396 6.55 -11.86 -24.65
N GLU D 397 7.39 -12.89 -24.79
CA GLU D 397 7.03 -14.14 -25.46
C GLU D 397 6.47 -13.94 -26.87
PB GDP E . -15.44 -22.13 17.44
O1B GDP E . -16.55 -21.36 18.12
O2B GDP E . -15.87 -22.48 16.03
O3B GDP E . -14.20 -21.26 17.38
O3A GDP E . -15.13 -23.48 18.25
PA GDP E . -14.50 -23.44 19.73
O1A GDP E . -15.59 -23.22 20.76
O2A GDP E . -13.44 -22.38 19.84
O5' GDP E . -13.86 -24.91 19.91
C5' GDP E . -12.52 -25.11 19.44
C4' GDP E . -11.81 -26.24 20.18
O4' GDP E . -11.28 -25.78 21.43
C3' GDP E . -12.70 -27.42 20.50
O3' GDP E . -12.50 -28.46 19.54
C2' GDP E . -12.25 -27.88 21.87
O2' GDP E . -11.71 -29.21 21.80
C1' GDP E . -11.17 -26.91 22.30
N9 GDP E . -11.34 -26.51 23.72
C8 GDP E . -12.24 -25.65 24.21
N7 GDP E . -12.12 -25.52 25.56
C5 GDP E . -11.12 -26.32 25.95
C6 GDP E . -10.46 -26.68 27.23
O6 GDP E . -10.84 -26.16 28.31
N1 GDP E . -9.45 -27.56 27.21
C2 GDP E . -9.03 -28.13 26.06
N2 GDP E . -8.00 -29.01 26.12
N3 GDP E . -9.57 -27.85 24.85
C4 GDP E . -10.60 -26.98 24.74
MG MG F . -17.72 -22.12 16.32
PB GDP G . 24.62 17.46 -10.00
O1B GDP G . 23.40 16.72 -9.52
O2B GDP G . 25.74 16.47 -10.21
O3B GDP G . 24.32 18.17 -11.30
O3A GDP G . 25.06 18.54 -8.90
PA GDP G . 26.09 19.74 -9.27
O1A GDP G . 25.45 20.69 -10.25
O2A GDP G . 27.38 19.18 -9.81
O5' GDP G . 26.34 20.46 -7.85
C5' GDP G . 26.96 21.75 -7.81
C4' GDP G . 27.65 21.92 -6.47
O4' GDP G . 28.44 20.76 -6.20
C3' GDP G . 28.60 23.11 -6.48
O3' GDP G . 28.13 24.13 -5.60
C2' GDP G . 29.94 22.58 -6.00
O2' GDP G . 30.31 23.24 -4.78
C1' GDP G . 29.74 21.10 -5.74
N9 GDP G . 30.74 20.32 -6.50
C8 GDP G . 30.92 20.36 -7.83
N7 GDP G . 31.92 19.52 -8.22
C5 GDP G . 32.39 18.91 -7.11
C6 GDP G . 33.42 17.90 -6.81
O6 GDP G . 34.13 17.41 -7.72
N1 GDP G . 33.59 17.53 -5.54
C2 GDP G . 32.84 18.04 -4.54
N2 GDP G . 33.07 17.61 -3.28
N3 GDP G . 31.87 18.96 -4.74
C4 GDP G . 31.60 19.43 -5.98
MG MG H . 22.77 19.14 -12.29
#